data_3S3R
#
_entry.id   3S3R
#
_cell.length_a   77.633
_cell.length_b   103.121
_cell.length_c   100.697
_cell.angle_alpha   90.00
_cell.angle_beta   90.00
_cell.angle_gamma   90.00
#
_symmetry.space_group_name_H-M   'P 21 21 21'
#
loop_
_entity.id
_entity.type
_entity.pdbx_description
1 polymer 'Cathepsin B-like peptidase (C01 family)'
2 non-polymer Nalpha-[(4-methylpiperazin-1-yl)carbonyl]-N-[(3S)-1-phenyl-5-(phenylsulfonyl)pentan-3-yl]-L-phenylalaninamide
3 water water
#
_entity_poly.entity_id   1
_entity_poly.type   'polypeptide(L)'
_entity_poly.pdbx_seq_one_letter_code
;VEIPSSFDSRKKWPRCKSIATIRDQSRCGSCWAFGAVEAMSDRSCIQSGGKQNVELSAVDLLSCCESCGLGCEGGILGPA
WDYWVKEGIVTGSSKENHAGCEPYPFPKCEHHTKGKYPPCGSKIYKTPRCKQTCQKKYKTPYTQDKHRGKSSYNVKNDEK
AIQKEIMKYGPVEAGFTVYEDFLNYKSGIYKHITGETLGGHAIRIIGWGVENKAPYWLIANSWNEDWGENGYFRIVRGRD
ECSIESEVTAGRIN
;
_entity_poly.pdbx_strand_id   A,B,C
#
# COMPACT_ATOMS: atom_id res chain seq x y z
N VAL A 1 14.64 21.86 2.67
CA VAL A 1 14.08 22.34 1.36
C VAL A 1 13.70 21.16 0.46
N GLU A 2 14.63 20.21 0.33
CA GLU A 2 14.54 19.25 -0.75
C GLU A 2 14.36 17.81 -0.33
N ILE A 3 14.74 16.92 -1.24
CA ILE A 3 14.61 15.51 -1.01
C ILE A 3 15.89 15.00 -0.36
N PRO A 4 15.75 14.45 0.86
CA PRO A 4 16.87 13.78 1.50
C PRO A 4 17.27 12.54 0.71
N SER A 5 18.51 12.11 0.90
CA SER A 5 18.98 10.91 0.22
C SER A 5 18.27 9.72 0.79
N SER A 6 17.82 9.81 2.04
CA SER A 6 16.97 8.76 2.64
C SER A 6 15.75 9.31 3.42
N PHE A 7 14.65 8.56 3.42
CA PHE A 7 13.45 8.94 4.17
C PHE A 7 12.66 7.72 4.55
N ASP A 8 12.02 7.77 5.73
CA ASP A 8 11.19 6.65 6.19
C ASP A 8 9.95 7.16 6.94
N SER A 9 8.77 6.88 6.38
CA SER A 9 7.55 7.41 6.99
C SER A 9 7.36 7.04 8.46
N ARG A 10 7.76 5.82 8.86
CA ARG A 10 7.73 5.44 10.28
C ARG A 10 8.53 6.39 11.15
N LYS A 11 9.65 6.89 10.64
CA LYS A 11 10.48 7.85 11.38
C LYS A 11 9.91 9.28 11.51
N LYS A 12 9.02 9.69 10.61
CA LYS A 12 8.49 11.05 10.68
C LYS A 12 7.22 11.10 11.53
N TRP A 13 6.41 10.06 11.42
CA TRP A 13 5.15 9.98 12.13
C TRP A 13 5.11 8.70 12.96
N PRO A 14 5.94 8.60 14.01
CA PRO A 14 5.90 7.31 14.68
C PRO A 14 4.67 7.13 15.57
N ARG A 15 3.96 8.23 15.86
CA ARG A 15 2.68 8.20 16.58
C ARG A 15 1.61 7.43 15.79
N CYS A 16 1.74 7.45 14.46
CA CYS A 16 0.84 6.78 13.55
C CYS A 16 1.18 5.30 13.41
N LYS A 17 0.55 4.50 14.27
CA LYS A 17 0.90 3.11 14.44
C LYS A 17 0.62 2.24 13.21
N SER A 18 -0.31 2.68 12.35
CA SER A 18 -0.58 1.96 11.12
C SER A 18 0.61 1.96 10.14
N ILE A 19 1.45 3.00 10.16
CA ILE A 19 2.59 3.03 9.24
C ILE A 19 3.51 1.81 9.43
N ALA A 20 3.81 1.46 10.67
CA ALA A 20 4.68 0.34 10.99
C ALA A 20 3.99 -1.03 10.95
N THR A 21 2.70 -1.05 10.59
CA THR A 21 1.92 -2.30 10.59
C THR A 21 2.08 -3.10 9.29
N ILE A 22 2.34 -4.41 9.42
CA ILE A 22 2.36 -5.31 8.29
C ILE A 22 1.12 -6.23 8.33
N ARG A 23 0.34 -6.25 7.25
CA ARG A 23 -0.89 -7.04 7.21
C ARG A 23 -0.72 -8.36 6.45
N ASP A 24 -1.75 -9.18 6.49
CA ASP A 24 -1.76 -10.45 5.75
C ASP A 24 -3.06 -10.63 4.98
N GLN A 25 -2.95 -10.67 3.66
CA GLN A 25 -4.12 -10.70 2.79
C GLN A 25 -4.74 -12.09 2.68
N SER A 26 -4.03 -13.09 3.21
CA SER A 26 -4.49 -14.49 3.30
C SER A 26 -4.64 -15.16 1.92
N ARG A 27 -5.33 -16.29 1.87
CA ARG A 27 -5.50 -17.03 0.61
C ARG A 27 -6.55 -16.32 -0.28
N CYS A 28 -6.17 -15.13 -0.73
CA CYS A 28 -7.03 -14.22 -1.45
C CYS A 28 -6.14 -13.21 -2.17
N GLY A 29 -6.53 -12.82 -3.39
CA GLY A 29 -5.73 -11.89 -4.19
C GLY A 29 -6.09 -10.43 -3.94
N SER A 30 -6.19 -10.06 -2.67
CA SER A 30 -6.71 -8.76 -2.28
C SER A 30 -5.64 -7.69 -2.06
N CYS A 31 -4.44 -7.92 -2.60
CA CYS A 31 -3.32 -6.97 -2.47
C CYS A 31 -3.78 -5.59 -2.83
N TRP A 32 -4.45 -5.47 -3.96
CA TRP A 32 -4.93 -4.19 -4.43
C TRP A 32 -5.69 -3.45 -3.34
N ALA A 33 -6.43 -4.20 -2.52
CA ALA A 33 -7.32 -3.56 -1.57
C ALA A 33 -6.53 -3.17 -0.34
N PHE A 34 -5.55 -4.00 0.02
CA PHE A 34 -4.75 -3.79 1.23
C PHE A 34 -3.85 -2.53 1.12
N GLY A 35 -3.05 -2.46 0.07
CA GLY A 35 -2.21 -1.32 -0.14
C GLY A 35 -3.05 -0.06 -0.18
N ALA A 36 -4.31 -0.20 -0.58
CA ALA A 36 -5.22 0.92 -0.55
C ALA A 36 -5.53 1.29 0.90
N VAL A 37 -6.18 0.38 1.62
CA VAL A 37 -6.64 0.67 2.98
C VAL A 37 -5.48 0.98 3.94
N GLU A 38 -4.32 0.35 3.71
CA GLU A 38 -3.08 0.65 4.46
C GLU A 38 -2.63 2.12 4.28
N ALA A 39 -2.48 2.55 3.03
CA ALA A 39 -2.01 3.92 2.75
C ALA A 39 -3.01 4.96 3.27
N MET A 40 -4.29 4.57 3.25
CA MET A 40 -5.40 5.44 3.63
C MET A 40 -5.44 5.60 5.15
N SER A 41 -5.12 4.51 5.84
CA SER A 41 -5.12 4.50 7.30
C SER A 41 -3.94 5.32 7.76
N ASP A 42 -2.79 5.12 7.12
CA ASP A 42 -1.62 5.95 7.36
C ASP A 42 -1.92 7.43 7.12
N ARG A 43 -2.58 7.72 6.00
CA ARG A 43 -2.75 9.10 5.56
C ARG A 43 -3.85 9.84 6.34
N SER A 44 -4.83 9.10 6.85
CA SER A 44 -5.85 9.69 7.72
C SER A 44 -5.22 10.11 9.05
N CYS A 45 -4.38 9.24 9.58
CA CYS A 45 -3.59 9.52 10.79
C CYS A 45 -2.66 10.72 10.61
N ILE A 46 -1.90 10.73 9.51
CA ILE A 46 -0.94 11.77 9.22
C ILE A 46 -1.64 13.09 9.00
N GLN A 47 -2.63 13.10 8.12
CA GLN A 47 -3.18 14.35 7.60
C GLN A 47 -4.07 15.12 8.59
N SER A 48 -4.62 14.41 9.57
CA SER A 48 -5.48 15.02 10.57
C SER A 48 -4.69 15.38 11.82
N GLY A 49 -3.36 15.33 11.72
CA GLY A 49 -2.46 15.63 12.83
C GLY A 49 -2.48 14.60 13.96
N GLY A 50 -3.04 13.42 13.69
CA GLY A 50 -3.11 12.34 14.68
C GLY A 50 -4.52 11.98 15.11
N LYS A 51 -5.46 12.89 14.85
CA LYS A 51 -6.84 12.72 15.30
C LYS A 51 -7.57 11.52 14.69
N GLN A 52 -7.12 11.09 13.52
CA GLN A 52 -7.76 9.98 12.81
C GLN A 52 -7.02 8.65 13.00
N ASN A 53 -6.93 8.22 14.26
CA ASN A 53 -6.30 6.97 14.63
C ASN A 53 -7.21 5.76 14.36
N VAL A 54 -7.26 5.32 13.10
CA VAL A 54 -8.15 4.22 12.67
C VAL A 54 -7.45 3.19 11.75
N GLU A 55 -8.01 1.97 11.73
CA GLU A 55 -7.56 0.89 10.83
C GLU A 55 -8.69 0.51 9.88
N LEU A 56 -8.58 0.93 8.63
CA LEU A 56 -9.66 0.74 7.66
C LEU A 56 -9.80 -0.70 7.19
N SER A 57 -11.01 -1.10 6.82
CA SER A 57 -11.31 -2.50 6.52
C SER A 57 -10.98 -2.89 5.11
N ALA A 58 -10.02 -3.80 4.97
CA ALA A 58 -9.73 -4.38 3.68
C ALA A 58 -10.97 -5.03 3.09
N VAL A 59 -11.77 -5.76 3.90
CA VAL A 59 -12.94 -6.47 3.36
C VAL A 59 -14.07 -5.53 2.90
N ASP A 60 -14.30 -4.44 3.64
CA ASP A 60 -15.27 -3.44 3.18
C ASP A 60 -14.99 -3.08 1.71
N LEU A 61 -13.76 -2.64 1.41
CA LEU A 61 -13.37 -2.28 0.05
C LEU A 61 -13.33 -3.47 -0.90
N LEU A 62 -12.70 -4.56 -0.48
CA LEU A 62 -12.56 -5.78 -1.31
C LEU A 62 -13.92 -6.30 -1.81
N SER A 63 -14.92 -6.32 -0.93
CA SER A 63 -16.23 -6.89 -1.29
C SER A 63 -17.30 -5.89 -1.74
N CYS A 64 -17.22 -4.64 -1.29
CA CYS A 64 -18.27 -3.68 -1.61
C CYS A 64 -18.00 -2.78 -2.81
N CYS A 65 -16.74 -2.56 -3.14
CA CYS A 65 -16.46 -1.78 -4.33
C CYS A 65 -16.82 -2.57 -5.60
N GLU A 66 -17.85 -2.10 -6.31
CA GLU A 66 -18.36 -2.77 -7.52
C GLU A 66 -17.63 -2.44 -8.82
N SER A 67 -16.76 -1.43 -8.81
CA SER A 67 -16.03 -1.06 -10.01
C SER A 67 -14.51 -1.20 -9.84
N CYS A 68 -14.11 -2.10 -8.94
CA CYS A 68 -12.72 -2.25 -8.55
C CYS A 68 -12.10 -3.56 -9.02
N GLY A 69 -12.79 -4.27 -9.89
CA GLY A 69 -12.24 -5.50 -10.44
C GLY A 69 -12.94 -6.73 -9.95
N LEU A 70 -12.15 -7.68 -9.46
CA LEU A 70 -12.57 -9.07 -9.34
C LEU A 70 -12.41 -9.64 -7.94
N GLY A 71 -12.28 -8.75 -6.95
CA GLY A 71 -12.23 -9.16 -5.56
C GLY A 71 -10.98 -9.95 -5.25
N CYS A 72 -11.17 -11.19 -4.80
CA CYS A 72 -10.03 -12.03 -4.43
C CYS A 72 -9.28 -12.43 -5.68
N GLU A 73 -9.87 -12.14 -6.83
CA GLU A 73 -9.28 -12.44 -8.13
C GLU A 73 -8.50 -11.27 -8.78
N GLY A 74 -8.43 -10.13 -8.12
CA GLY A 74 -7.62 -9.03 -8.62
C GLY A 74 -8.37 -7.73 -8.79
N GLY A 75 -7.71 -6.62 -8.48
CA GLY A 75 -8.40 -5.33 -8.50
C GLY A 75 -7.66 -4.17 -9.12
N ILE A 76 -8.39 -3.08 -9.35
CA ILE A 76 -7.91 -1.87 -10.00
C ILE A 76 -7.58 -0.80 -8.95
N LEU A 77 -6.40 -0.20 -9.05
CA LEU A 77 -5.94 0.71 -7.98
C LEU A 77 -6.69 2.02 -7.94
N GLY A 78 -6.86 2.63 -9.11
CA GLY A 78 -7.46 3.96 -9.22
C GLY A 78 -8.86 4.01 -8.62
N PRO A 79 -9.77 3.14 -9.10
CA PRO A 79 -11.14 3.09 -8.56
C PRO A 79 -11.21 2.82 -7.06
N ALA A 80 -10.28 2.05 -6.53
CA ALA A 80 -10.22 1.75 -5.11
C ALA A 80 -10.19 3.03 -4.34
N TRP A 81 -9.33 3.94 -4.78
CA TRP A 81 -9.15 5.20 -4.09
C TRP A 81 -10.33 6.11 -4.35
N ASP A 82 -10.92 5.99 -5.53
CA ASP A 82 -12.14 6.74 -5.87
C ASP A 82 -13.30 6.32 -4.98
N TYR A 83 -13.30 5.03 -4.62
CA TYR A 83 -14.32 4.44 -3.76
C TYR A 83 -14.17 5.05 -2.40
N TRP A 84 -12.92 5.23 -1.98
CA TRP A 84 -12.62 5.87 -0.70
C TRP A 84 -13.21 7.28 -0.66
N VAL A 85 -13.15 8.00 -1.78
CA VAL A 85 -13.64 9.39 -1.80
C VAL A 85 -15.17 9.47 -1.82
N LYS A 86 -15.80 8.87 -2.83
CA LYS A 86 -17.24 8.99 -3.00
C LYS A 86 -18.01 8.21 -1.94
N GLU A 87 -17.59 6.98 -1.70
CA GLU A 87 -18.34 6.05 -0.88
C GLU A 87 -17.72 5.87 0.51
N GLY A 88 -16.41 5.95 0.62
CA GLY A 88 -15.76 5.79 1.92
C GLY A 88 -15.57 4.35 2.34
N ILE A 89 -14.73 4.14 3.37
CA ILE A 89 -14.46 2.79 3.90
C ILE A 89 -14.58 2.76 5.42
N VAL A 90 -15.24 1.72 5.92
CA VAL A 90 -15.45 1.58 7.37
C VAL A 90 -14.19 1.03 8.02
N THR A 91 -14.19 0.94 9.35
CA THR A 91 -13.07 0.38 10.09
C THR A 91 -13.18 -1.14 10.07
N GLY A 92 -12.04 -1.80 10.26
CA GLY A 92 -11.97 -3.25 10.32
C GLY A 92 -10.53 -3.68 10.42
N SER A 93 -10.22 -4.41 11.49
CA SER A 93 -8.91 -4.98 11.72
C SER A 93 -8.79 -6.34 11.01
N SER A 94 -7.87 -7.18 11.49
CA SER A 94 -7.66 -8.52 10.94
C SER A 94 -8.54 -9.56 11.67
N LYS A 95 -8.56 -10.79 11.15
CA LYS A 95 -9.36 -11.87 11.72
C LYS A 95 -9.04 -12.14 13.19
N GLU A 96 -7.76 -12.29 13.51
CA GLU A 96 -7.33 -12.64 14.88
C GLU A 96 -7.18 -11.43 15.79
N ASN A 97 -7.58 -10.26 15.28
CA ASN A 97 -7.74 -9.09 16.13
C ASN A 97 -9.20 -8.70 16.36
N HIS A 98 -10.09 -9.20 15.50
CA HIS A 98 -11.55 -9.13 15.71
C HIS A 98 -12.18 -7.72 15.92
N ALA A 99 -11.45 -6.66 15.56
CA ALA A 99 -11.87 -5.28 15.89
C ALA A 99 -12.52 -4.53 14.74
N GLY A 100 -13.26 -3.47 15.09
CA GLY A 100 -13.82 -2.54 14.12
C GLY A 100 -15.12 -3.04 13.52
N CYS A 101 -15.66 -2.26 12.59
CA CYS A 101 -16.94 -2.58 11.94
C CYS A 101 -16.94 -3.90 11.16
N GLU A 102 -16.01 -4.05 10.25
CA GLU A 102 -16.02 -5.18 9.32
C GLU A 102 -14.61 -5.78 9.23
N PRO A 103 -14.16 -6.53 10.27
CA PRO A 103 -12.80 -7.07 10.26
C PRO A 103 -12.56 -8.12 9.17
N TYR A 104 -11.30 -8.31 8.80
CA TYR A 104 -10.93 -9.31 7.77
C TYR A 104 -11.39 -10.72 8.16
N PRO A 105 -11.99 -11.48 7.20
CA PRO A 105 -12.52 -12.83 7.50
C PRO A 105 -11.54 -14.00 7.31
N PHE A 106 -10.37 -13.73 6.74
CA PHE A 106 -9.40 -14.79 6.42
C PHE A 106 -8.17 -14.81 7.36
N PRO A 107 -7.74 -16.01 7.81
CA PRO A 107 -6.63 -16.11 8.76
C PRO A 107 -5.23 -15.99 8.12
N LYS A 108 -4.25 -15.60 8.91
CA LYS A 108 -2.88 -15.43 8.46
C LYS A 108 -2.26 -16.74 7.92
N CYS A 109 -1.35 -16.63 6.95
CA CYS A 109 -0.69 -17.82 6.36
C CYS A 109 0.66 -17.51 5.70
N GLU A 110 1.48 -18.54 5.45
CA GLU A 110 2.82 -18.34 4.89
C GLU A 110 2.86 -18.32 3.37
N HIS A 111 3.36 -17.21 2.84
CA HIS A 111 3.47 -17.00 1.39
C HIS A 111 4.90 -17.26 0.95
N HIS A 112 5.13 -18.44 0.39
CA HIS A 112 6.43 -18.79 -0.19
C HIS A 112 7.57 -18.63 0.84
N THR A 113 7.47 -19.39 1.93
CA THR A 113 8.44 -19.36 3.03
C THR A 113 7.88 -20.14 4.22
N LYS A 114 8.77 -20.67 5.06
CA LYS A 114 8.33 -21.42 6.24
C LYS A 114 8.26 -20.51 7.46
N GLY A 115 7.17 -20.60 8.22
CA GLY A 115 6.98 -19.72 9.36
C GLY A 115 6.15 -20.25 10.52
N LYS A 116 5.62 -19.33 11.32
CA LYS A 116 4.79 -19.68 12.47
C LYS A 116 3.38 -20.06 12.00
N TYR A 117 2.86 -19.30 11.05
CA TYR A 117 1.51 -19.50 10.54
C TYR A 117 1.45 -20.69 9.59
N PRO A 118 0.28 -21.31 9.47
CA PRO A 118 0.11 -22.38 8.50
C PRO A 118 0.30 -21.89 7.07
N PRO A 119 1.01 -22.67 6.22
CA PRO A 119 1.29 -22.29 4.82
C PRO A 119 0.03 -21.98 4.00
N CYS A 120 0.10 -20.90 3.20
CA CYS A 120 -1.02 -20.46 2.37
C CYS A 120 -1.44 -21.48 1.31
N GLY A 121 -0.49 -22.22 0.77
CA GLY A 121 -0.80 -23.13 -0.34
C GLY A 121 -1.14 -22.33 -1.59
N SER A 122 -2.05 -22.83 -2.43
CA SER A 122 -2.36 -22.11 -3.67
C SER A 122 -3.86 -21.88 -3.93
N LYS A 123 -4.71 -22.51 -3.13
CA LYS A 123 -6.15 -22.24 -3.18
C LYS A 123 -6.43 -20.74 -2.98
N ILE A 124 -7.49 -20.26 -3.60
CA ILE A 124 -7.95 -18.90 -3.43
C ILE A 124 -9.39 -18.98 -2.93
N TYR A 125 -9.74 -18.13 -1.97
CA TYR A 125 -11.12 -18.10 -1.46
C TYR A 125 -12.04 -17.33 -2.40
N LYS A 126 -13.35 -17.62 -2.36
CA LYS A 126 -14.35 -16.78 -3.02
C LYS A 126 -14.34 -15.41 -2.35
N THR A 127 -14.39 -14.34 -3.17
CA THR A 127 -14.56 -12.98 -2.67
C THR A 127 -15.76 -12.94 -1.73
N PRO A 128 -15.55 -12.53 -0.47
CA PRO A 128 -16.69 -12.36 0.45
C PRO A 128 -17.83 -11.51 -0.15
N ARG A 129 -19.06 -11.79 0.27
CA ARG A 129 -20.22 -10.96 -0.01
C ARG A 129 -20.05 -9.56 0.61
N CYS A 130 -20.74 -8.56 0.04
CA CYS A 130 -20.66 -7.19 0.56
C CYS A 130 -21.64 -7.10 1.71
N LYS A 131 -21.13 -6.89 2.93
CA LYS A 131 -21.99 -7.01 4.13
C LYS A 131 -22.95 -5.84 4.41
N GLN A 132 -22.43 -4.61 4.44
CA GLN A 132 -23.21 -3.40 4.78
C GLN A 132 -23.79 -3.37 6.21
N THR A 133 -23.41 -4.34 7.02
CA THR A 133 -23.71 -4.35 8.45
C THR A 133 -22.44 -4.71 9.23
N CYS A 134 -22.16 -3.96 10.30
CA CYS A 134 -20.97 -4.23 11.11
C CYS A 134 -21.11 -5.54 11.88
N GLN A 135 -20.03 -6.02 12.49
CA GLN A 135 -20.09 -7.25 13.28
C GLN A 135 -20.96 -6.97 14.49
N LYS A 136 -21.68 -7.99 14.95
CA LYS A 136 -22.68 -7.86 16.01
C LYS A 136 -22.29 -6.82 17.06
N LYS A 137 -21.05 -6.89 17.56
CA LYS A 137 -20.66 -6.16 18.78
C LYS A 137 -20.01 -4.79 18.64
N TYR A 138 -19.93 -4.30 17.41
CA TYR A 138 -19.49 -2.93 17.13
C TYR A 138 -20.75 -2.14 16.81
N LYS A 139 -21.09 -1.19 17.67
CA LYS A 139 -22.42 -0.60 17.63
C LYS A 139 -22.60 0.62 16.71
N THR A 140 -21.49 1.20 16.25
CA THR A 140 -21.54 2.33 15.31
C THR A 140 -22.12 1.85 13.98
N PRO A 141 -23.19 2.50 13.48
CA PRO A 141 -23.81 2.08 12.21
C PRO A 141 -22.84 2.02 11.03
N TYR A 142 -23.08 1.07 10.13
CA TYR A 142 -22.21 0.85 8.98
C TYR A 142 -22.03 2.15 8.20
N THR A 143 -23.16 2.81 7.90
CA THR A 143 -23.17 4.05 7.12
C THR A 143 -22.52 5.23 7.85
N GLN A 144 -22.47 5.15 9.16
CA GLN A 144 -21.80 6.19 9.94
C GLN A 144 -20.29 5.93 10.12
N ASP A 145 -19.87 4.67 9.97
CA ASP A 145 -18.46 4.33 10.16
C ASP A 145 -17.60 4.60 8.91
N LYS A 146 -18.26 5.04 7.85
CA LYS A 146 -17.59 5.32 6.59
C LYS A 146 -16.63 6.49 6.78
N HIS A 147 -15.35 6.25 6.55
CA HIS A 147 -14.35 7.32 6.48
C HIS A 147 -14.06 7.58 5.01
N ARG A 148 -14.16 8.84 4.61
CA ARG A 148 -13.94 9.23 3.22
C ARG A 148 -12.71 10.11 3.09
N GLY A 149 -12.15 10.16 1.89
CA GLY A 149 -11.13 11.13 1.57
C GLY A 149 -11.73 12.24 0.72
N LYS A 150 -10.98 13.33 0.57
CA LYS A 150 -11.39 14.44 -0.29
C LYS A 150 -10.96 14.26 -1.75
N SER A 151 -9.86 13.55 -2.01
CA SER A 151 -9.37 13.38 -3.39
C SER A 151 -8.56 12.12 -3.66
N SER A 152 -8.59 11.68 -4.92
CA SER A 152 -7.77 10.56 -5.37
C SER A 152 -6.99 10.96 -6.63
N TYR A 153 -5.80 10.42 -6.80
CA TYR A 153 -5.01 10.77 -7.95
C TYR A 153 -3.92 9.76 -8.25
N ASN A 154 -3.53 9.71 -9.51
CA ASN A 154 -2.30 9.08 -9.89
C ASN A 154 -1.15 10.06 -9.71
N VAL A 155 -0.03 9.54 -9.24
CA VAL A 155 1.17 10.32 -9.06
C VAL A 155 1.95 10.14 -10.36
N LYS A 156 2.72 11.15 -10.76
CA LYS A 156 3.45 11.06 -12.03
C LYS A 156 4.56 9.99 -11.96
N ASN A 157 4.87 9.37 -13.11
CA ASN A 157 5.94 8.40 -13.17
C ASN A 157 7.25 9.16 -13.09
N ASP A 158 7.65 9.50 -11.88
CA ASP A 158 8.68 10.50 -11.64
C ASP A 158 9.24 10.29 -10.24
N GLU A 159 10.48 9.86 -10.20
CA GLU A 159 11.14 9.45 -8.97
C GLU A 159 11.04 10.54 -7.91
N LYS A 160 11.45 11.75 -8.30
CA LYS A 160 11.41 12.91 -7.43
C LYS A 160 9.98 13.33 -7.02
N ALA A 161 9.00 13.06 -7.89
CA ALA A 161 7.62 13.44 -7.58
C ALA A 161 7.04 12.49 -6.56
N ILE A 162 7.23 11.20 -6.79
CA ILE A 162 6.89 10.14 -5.84
C ILE A 162 7.50 10.36 -4.44
N GLN A 163 8.73 10.88 -4.40
CA GLN A 163 9.45 11.16 -3.16
C GLN A 163 8.85 12.31 -2.37
N LYS A 164 8.53 13.42 -3.05
CA LYS A 164 7.87 14.56 -2.42
C LYS A 164 6.46 14.18 -1.97
N GLU A 165 5.81 13.33 -2.75
CA GLU A 165 4.45 12.93 -2.45
C GLU A 165 4.41 12.17 -1.11
N ILE A 166 5.34 11.22 -0.94
CA ILE A 166 5.48 10.47 0.31
C ILE A 166 5.82 11.36 1.53
N MET A 167 6.80 12.23 1.37
CA MET A 167 7.29 13.02 2.46
C MET A 167 6.23 13.97 2.99
N LYS A 168 5.50 14.61 2.09
CA LYS A 168 4.57 15.63 2.50
C LYS A 168 3.27 15.02 3.03
N TYR A 169 2.80 13.93 2.41
CA TYR A 169 1.43 13.45 2.61
C TYR A 169 1.31 12.00 3.08
N GLY A 170 2.41 11.24 3.04
CA GLY A 170 2.42 9.86 3.54
C GLY A 170 2.65 8.78 2.51
N PRO A 171 2.68 7.51 2.93
CA PRO A 171 2.77 6.36 2.02
C PRO A 171 1.72 6.36 0.90
N VAL A 172 2.12 5.76 -0.21
CA VAL A 172 1.33 5.75 -1.42
C VAL A 172 1.17 4.28 -1.76
N GLU A 173 0.12 3.94 -2.51
CA GLU A 173 0.01 2.60 -3.05
C GLU A 173 0.69 2.55 -4.41
N ALA A 174 1.25 1.40 -4.77
CA ALA A 174 1.86 1.25 -6.10
C ALA A 174 1.83 -0.19 -6.56
N GLY A 175 1.65 -0.36 -7.87
CA GLY A 175 1.65 -1.66 -8.51
C GLY A 175 2.97 -1.90 -9.21
N PHE A 176 3.35 -3.16 -9.31
CA PHE A 176 4.54 -3.53 -10.07
C PHE A 176 4.32 -4.90 -10.68
N THR A 177 5.18 -5.28 -11.61
CA THR A 177 5.00 -6.53 -12.32
C THR A 177 5.74 -7.65 -11.59
N VAL A 178 5.04 -8.72 -11.23
CA VAL A 178 5.72 -9.85 -10.60
C VAL A 178 6.23 -10.82 -11.64
N TYR A 179 7.53 -11.06 -11.58
CA TYR A 179 8.16 -12.10 -12.37
C TYR A 179 8.60 -13.22 -11.43
N GLU A 180 8.59 -14.45 -11.93
CA GLU A 180 8.95 -15.64 -11.15
C GLU A 180 10.03 -15.46 -10.11
N ASP A 181 11.12 -14.75 -10.44
CA ASP A 181 12.22 -14.59 -9.47
C ASP A 181 11.86 -13.81 -8.19
N PHE A 182 10.84 -12.95 -8.25
CA PHE A 182 10.32 -12.32 -7.02
C PHE A 182 9.87 -13.35 -5.97
N LEU A 183 9.28 -14.47 -6.40
CA LEU A 183 8.83 -15.49 -5.44
C LEU A 183 9.99 -16.12 -4.65
N ASN A 184 11.23 -15.80 -5.03
CA ASN A 184 12.40 -16.29 -4.28
C ASN A 184 13.12 -15.21 -3.47
N TYR A 185 12.56 -14.01 -3.41
CA TYR A 185 13.16 -12.93 -2.62
C TYR A 185 13.20 -13.25 -1.11
N LYS A 186 14.36 -13.08 -0.49
CA LYS A 186 14.48 -13.25 0.96
C LYS A 186 14.86 -11.95 1.63
N SER A 187 15.76 -11.20 0.99
CA SER A 187 16.21 -9.89 1.47
C SER A 187 17.04 -9.18 0.39
N GLY A 188 17.29 -7.89 0.61
CA GLY A 188 18.15 -7.12 -0.27
C GLY A 188 17.37 -6.21 -1.17
N ILE A 189 18.06 -5.52 -2.07
CA ILE A 189 17.38 -4.65 -3.00
C ILE A 189 16.99 -5.46 -4.21
N TYR A 190 15.70 -5.71 -4.35
CA TYR A 190 15.20 -6.53 -5.46
C TYR A 190 15.32 -5.88 -6.84
N LYS A 191 15.75 -6.68 -7.81
CA LYS A 191 15.63 -6.34 -9.24
C LYS A 191 15.34 -7.60 -10.04
N HIS A 192 14.42 -7.47 -11.00
CA HIS A 192 14.07 -8.60 -11.85
C HIS A 192 15.21 -8.95 -12.80
N ILE A 193 15.77 -10.15 -12.62
CA ILE A 193 16.78 -10.69 -13.52
C ILE A 193 16.18 -11.83 -14.35
N THR A 194 15.54 -12.78 -13.69
CA THR A 194 15.12 -14.03 -14.30
C THR A 194 13.64 -14.32 -14.06
N GLY A 195 13.06 -15.20 -14.87
CA GLY A 195 11.66 -15.61 -14.70
C GLY A 195 10.63 -15.01 -15.63
N GLU A 196 9.54 -15.76 -15.88
CA GLU A 196 8.39 -15.26 -16.63
C GLU A 196 7.51 -14.30 -15.78
N THR A 197 6.55 -13.65 -16.43
CA THR A 197 5.58 -12.80 -15.74
C THR A 197 4.47 -13.67 -15.16
N LEU A 198 4.03 -13.30 -13.96
CA LEU A 198 2.97 -14.00 -13.26
C LEU A 198 1.73 -13.13 -13.05
N GLY A 199 1.94 -11.81 -12.97
CA GLY A 199 0.85 -10.85 -12.86
C GLY A 199 1.32 -9.57 -12.21
N GLY A 200 0.42 -8.85 -11.54
CA GLY A 200 0.80 -7.62 -10.88
C GLY A 200 0.53 -7.68 -9.40
N HIS A 201 1.26 -6.88 -8.63
CA HIS A 201 1.10 -6.88 -7.17
C HIS A 201 0.99 -5.42 -6.76
N ALA A 202 0.14 -5.15 -5.77
CA ALA A 202 -0.02 -3.79 -5.27
C ALA A 202 0.50 -3.75 -3.84
N ILE A 203 1.32 -2.75 -3.56
CA ILE A 203 1.98 -2.64 -2.27
C ILE A 203 1.99 -1.19 -1.86
N ARG A 204 2.58 -0.93 -0.69
CA ARG A 204 2.56 0.41 -0.15
C ARG A 204 4.00 0.85 0.02
N ILE A 205 4.38 1.93 -0.65
CA ILE A 205 5.73 2.50 -0.50
C ILE A 205 5.76 3.44 0.72
N ILE A 206 6.67 3.20 1.66
CA ILE A 206 6.73 4.04 2.87
C ILE A 206 7.93 4.99 2.90
N GLY A 207 8.90 4.76 2.05
CA GLY A 207 10.09 5.60 2.10
C GLY A 207 11.07 5.15 1.06
N TRP A 208 12.33 5.55 1.23
CA TRP A 208 13.40 5.14 0.35
C TRP A 208 14.72 5.33 1.09
N GLY A 209 15.73 4.57 0.68
CA GLY A 209 17.09 4.86 1.12
C GLY A 209 18.12 4.53 0.06
N VAL A 210 19.37 4.36 0.54
CA VAL A 210 20.50 4.01 -0.32
C VAL A 210 21.48 3.14 0.48
N GLU A 211 21.74 1.93 -0.02
CA GLU A 211 22.64 0.99 0.64
C GLU A 211 23.92 0.90 -0.15
N ASN A 212 25.00 1.45 0.41
CA ASN A 212 26.27 1.66 -0.30
C ASN A 212 26.00 1.96 -1.77
N LYS A 213 25.90 3.26 -2.09
CA LYS A 213 25.68 3.74 -3.46
C LYS A 213 24.34 3.30 -4.14
N ALA A 214 23.74 2.19 -3.71
CA ALA A 214 22.58 1.59 -4.41
C ALA A 214 21.20 2.09 -3.92
N PRO A 215 20.48 2.85 -4.78
CA PRO A 215 19.22 3.50 -4.41
C PRO A 215 18.03 2.51 -4.36
N TYR A 216 17.11 2.72 -3.42
CA TYR A 216 16.00 1.77 -3.27
C TYR A 216 14.71 2.38 -2.71
N TRP A 217 13.58 1.73 -3.01
CA TRP A 217 12.30 2.09 -2.36
C TRP A 217 12.09 1.16 -1.18
N LEU A 218 11.63 1.69 -0.06
CA LEU A 218 11.25 0.83 1.04
C LEU A 218 9.76 0.57 0.89
N ILE A 219 9.40 -0.70 0.83
CA ILE A 219 8.03 -1.11 0.52
C ILE A 219 7.47 -2.05 1.57
N ALA A 220 6.22 -1.83 1.97
CA ALA A 220 5.49 -2.75 2.86
C ALA A 220 4.64 -3.74 2.07
N ASN A 221 5.00 -5.02 2.17
CA ASN A 221 4.22 -6.10 1.56
C ASN A 221 3.08 -6.43 2.51
N SER A 222 2.15 -7.26 2.05
CA SER A 222 1.05 -7.68 2.89
C SER A 222 0.95 -9.21 2.92
N TRP A 223 2.06 -9.84 3.26
CA TRP A 223 2.14 -11.29 3.36
C TRP A 223 2.60 -11.61 4.79
N ASN A 224 2.18 -10.77 5.73
CA ASN A 224 2.55 -10.84 7.14
C ASN A 224 4.04 -10.60 7.45
N GLU A 225 4.36 -10.51 8.74
CA GLU A 225 5.69 -10.16 9.21
C GLU A 225 6.78 -11.24 8.97
N ASP A 226 6.41 -12.41 8.48
CA ASP A 226 7.39 -13.49 8.26
C ASP A 226 8.10 -13.41 6.92
N TRP A 227 7.42 -12.87 5.92
CA TRP A 227 7.97 -12.83 4.58
C TRP A 227 9.00 -11.69 4.49
N GLY A 228 10.06 -11.91 3.71
CA GLY A 228 11.05 -10.87 3.40
C GLY A 228 11.80 -10.30 4.60
N GLU A 229 12.03 -8.99 4.58
CA GLU A 229 12.76 -8.32 5.64
C GLU A 229 11.74 -7.85 6.69
N ASN A 230 11.29 -8.81 7.49
CA ASN A 230 10.22 -8.60 8.50
C ASN A 230 8.94 -7.98 7.91
N GLY A 231 8.53 -8.46 6.74
CA GLY A 231 7.33 -7.94 6.08
C GLY A 231 7.65 -7.00 4.92
N TYR A 232 8.71 -6.19 5.08
CA TYR A 232 9.07 -5.18 4.11
C TYR A 232 9.98 -5.74 3.06
N PHE A 233 10.03 -5.08 1.91
CA PHE A 233 11.06 -5.41 0.97
C PHE A 233 11.64 -4.15 0.37
N ARG A 234 12.72 -4.27 -0.40
CA ARG A 234 13.33 -3.12 -1.04
C ARG A 234 13.57 -3.45 -2.51
N ILE A 235 13.39 -2.44 -3.35
CA ILE A 235 13.44 -2.63 -4.79
C ILE A 235 14.19 -1.46 -5.42
N VAL A 236 14.88 -1.72 -6.54
CA VAL A 236 15.59 -0.63 -7.23
C VAL A 236 14.65 0.55 -7.52
N ARG A 237 15.05 1.71 -6.99
CA ARG A 237 14.41 2.99 -7.29
C ARG A 237 15.20 3.68 -8.41
N GLY A 238 14.49 4.40 -9.26
CA GLY A 238 15.12 5.30 -10.23
C GLY A 238 15.07 4.87 -11.68
N ARG A 239 14.67 3.61 -11.91
CA ARG A 239 14.72 3.01 -13.26
C ARG A 239 13.42 2.28 -13.59
N ASP A 240 12.31 2.70 -12.98
CA ASP A 240 10.98 2.11 -13.20
C ASP A 240 11.03 0.58 -13.11
N GLU A 241 11.80 0.08 -12.15
CA GLU A 241 12.05 -1.34 -11.98
C GLU A 241 10.72 -2.06 -11.81
N CYS A 242 10.39 -2.95 -12.75
CA CYS A 242 9.11 -3.64 -12.78
C CYS A 242 7.93 -2.66 -12.78
N SER A 243 8.10 -1.50 -13.42
CA SER A 243 7.06 -0.46 -13.51
C SER A 243 6.62 0.11 -12.13
N ILE A 244 7.39 -0.19 -11.08
CA ILE A 244 7.14 0.35 -9.71
C ILE A 244 6.94 1.87 -9.60
N GLU A 245 7.34 2.63 -10.61
CA GLU A 245 7.15 4.08 -10.56
C GLU A 245 6.00 4.52 -11.49
N SER A 246 5.32 3.56 -12.12
CA SER A 246 4.27 3.84 -13.10
C SER A 246 2.83 3.83 -12.58
N GLU A 247 2.58 3.02 -11.54
CA GLU A 247 1.24 2.75 -11.03
C GLU A 247 1.03 3.38 -9.66
N VAL A 248 1.63 4.53 -9.43
CA VAL A 248 1.52 5.12 -8.11
C VAL A 248 0.21 5.87 -7.96
N THR A 249 -0.56 5.48 -6.93
CA THR A 249 -1.89 6.03 -6.68
C THR A 249 -2.01 6.44 -5.24
N ALA A 250 -2.64 7.59 -5.00
CA ALA A 250 -2.91 8.04 -3.63
C ALA A 250 -4.08 9.02 -3.57
N GLY A 251 -4.25 9.64 -2.41
CA GLY A 251 -5.26 10.68 -2.22
C GLY A 251 -5.06 11.39 -0.91
N ARG A 252 -6.00 12.26 -0.54
CA ARG A 252 -5.88 13.05 0.68
C ARG A 252 -7.22 13.15 1.43
N ILE A 253 -7.17 13.31 2.75
CA ILE A 253 -8.41 13.48 3.52
C ILE A 253 -8.93 14.93 3.44
N ASN A 254 -8.01 15.87 3.22
CA ASN A 254 -8.35 17.28 3.03
C ASN A 254 -7.30 18.06 2.21
N VAL B 1 -4.12 9.02 48.84
CA VAL B 1 -3.84 9.21 47.38
C VAL B 1 -4.21 10.64 46.89
N GLU B 2 -4.00 11.65 47.73
CA GLU B 2 -4.26 13.05 47.36
C GLU B 2 -3.21 13.60 46.40
N ILE B 3 -3.66 14.07 45.24
CA ILE B 3 -2.78 14.67 44.25
C ILE B 3 -2.49 16.09 44.67
N PRO B 4 -1.20 16.38 45.01
CA PRO B 4 -0.86 17.74 45.40
C PRO B 4 -0.72 18.60 44.17
N SER B 5 -0.88 19.92 44.32
CA SER B 5 -0.74 20.85 43.21
C SER B 5 0.62 20.73 42.51
N SER B 6 1.62 20.19 43.21
CA SER B 6 2.93 19.94 42.60
C SER B 6 3.72 18.81 43.24
N PHE B 7 4.48 18.09 42.43
CA PHE B 7 5.32 16.98 42.88
C PHE B 7 6.61 16.81 42.06
N ASP B 8 7.67 16.34 42.73
CA ASP B 8 8.97 16.13 42.09
C ASP B 8 9.61 14.85 42.66
N SER B 9 9.85 13.87 41.79
CA SER B 9 10.46 12.60 42.25
C SER B 9 11.79 12.80 42.95
N ARG B 10 12.58 13.74 42.45
CA ARG B 10 13.85 14.05 43.08
C ARG B 10 13.64 14.25 44.58
N LYS B 11 12.77 15.18 44.98
CA LYS B 11 12.56 15.44 46.41
C LYS B 11 11.75 14.42 47.20
N LYS B 12 11.03 13.54 46.53
CA LYS B 12 10.40 12.42 47.24
C LYS B 12 11.42 11.31 47.47
N TRP B 13 12.32 11.11 46.52
CA TRP B 13 13.35 10.09 46.66
C TRP B 13 14.77 10.61 46.42
N PRO B 14 15.27 11.54 47.28
CA PRO B 14 16.62 12.06 47.07
C PRO B 14 17.67 10.97 47.18
N ARG B 15 17.28 9.85 47.79
CA ARG B 15 18.15 8.70 48.01
C ARG B 15 18.67 8.15 46.69
N CYS B 16 17.77 8.10 45.70
CA CYS B 16 18.06 7.55 44.37
C CYS B 16 18.68 8.57 43.45
N LYS B 17 20.02 8.60 43.43
CA LYS B 17 20.77 9.61 42.67
C LYS B 17 20.53 9.63 41.16
N SER B 18 20.04 8.53 40.60
CA SER B 18 19.77 8.46 39.15
C SER B 18 18.68 9.42 38.66
N ILE B 19 17.67 9.62 39.49
CA ILE B 19 16.57 10.55 39.19
C ILE B 19 17.08 11.93 38.77
N ALA B 20 18.04 12.47 39.53
CA ALA B 20 18.59 13.83 39.30
C ALA B 20 19.57 13.88 38.11
N THR B 21 19.98 12.70 37.66
CA THR B 21 20.93 12.54 36.58
C THR B 21 20.33 12.82 35.20
N ILE B 22 21.15 13.39 34.31
CA ILE B 22 20.74 13.73 32.96
C ILE B 22 21.74 13.14 31.96
N ARG B 23 21.26 12.25 31.10
CA ARG B 23 22.13 11.51 30.17
C ARG B 23 22.14 12.14 28.80
N ASP B 24 22.86 11.50 27.88
CA ASP B 24 23.04 12.01 26.50
C ASP B 24 23.10 10.91 25.41
N GLN B 25 22.07 10.81 24.58
CA GLN B 25 22.03 9.78 23.54
C GLN B 25 23.10 9.91 22.48
N SER B 26 23.65 11.11 22.33
CA SER B 26 24.74 11.37 21.36
C SER B 26 24.22 11.42 19.92
N ARG B 27 25.07 11.07 18.95
CA ARG B 27 24.68 11.05 17.54
C ARG B 27 23.96 9.76 17.17
N CYS B 28 22.87 9.48 17.88
CA CYS B 28 22.11 8.24 17.73
C CYS B 28 20.70 8.48 18.22
N GLY B 29 19.70 7.98 17.50
CA GLY B 29 18.30 8.15 17.91
C GLY B 29 17.83 7.07 18.89
N SER B 30 18.46 7.04 20.05
CA SER B 30 18.24 6.01 21.03
C SER B 30 17.41 6.55 22.19
N CYS B 31 16.70 7.65 21.94
CA CYS B 31 15.84 8.28 22.93
C CYS B 31 14.89 7.24 23.52
N TRP B 32 14.26 6.48 22.63
CA TRP B 32 13.36 5.42 23.05
C TRP B 32 14.02 4.59 24.14
N ALA B 33 15.31 4.34 23.99
CA ALA B 33 16.02 3.42 24.89
C ALA B 33 16.57 4.09 26.15
N PHE B 34 16.91 5.38 26.02
CA PHE B 34 17.38 6.21 27.15
C PHE B 34 16.25 6.48 28.11
N GLY B 35 15.14 7.00 27.57
CA GLY B 35 13.94 7.21 28.35
C GLY B 35 13.62 5.96 29.15
N ALA B 36 13.72 4.81 28.47
CA ALA B 36 13.52 3.51 29.09
C ALA B 36 14.46 3.23 30.28
N VAL B 37 15.76 3.24 30.04
CA VAL B 37 16.71 2.76 31.05
C VAL B 37 16.88 3.75 32.20
N GLU B 38 16.75 5.04 31.89
CA GLU B 38 16.77 6.07 32.91
C GLU B 38 15.69 5.80 33.93
N ALA B 39 14.48 5.53 33.43
CA ALA B 39 13.30 5.38 34.29
C ALA B 39 13.33 4.05 35.04
N MET B 40 13.86 3.02 34.38
CA MET B 40 14.07 1.73 35.02
C MET B 40 15.09 1.87 36.15
N SER B 41 16.19 2.58 35.89
CA SER B 41 17.20 2.82 36.92
C SER B 41 16.55 3.45 38.16
N ASP B 42 15.87 4.58 37.92
CA ASP B 42 15.05 5.28 38.93
C ASP B 42 14.09 4.36 39.68
N ARG B 43 13.33 3.54 38.94
CA ARG B 43 12.30 2.71 39.55
C ARG B 43 12.84 1.53 40.35
N SER B 44 13.98 0.98 39.91
CA SER B 44 14.66 -0.10 40.64
C SER B 44 15.12 0.35 42.00
N CYS B 45 15.66 1.56 42.04
CA CYS B 45 16.17 2.11 43.29
C CYS B 45 15.03 2.40 44.27
N ILE B 46 14.01 3.12 43.78
CA ILE B 46 12.77 3.38 44.52
C ILE B 46 12.16 2.13 45.17
N GLN B 47 11.68 1.20 44.33
CA GLN B 47 11.04 -0.03 44.80
C GLN B 47 12.04 -0.97 45.51
N SER B 48 13.33 -0.59 45.48
CA SER B 48 14.39 -1.08 46.38
C SER B 48 15.01 -2.48 45.99
N VAL B 54 22.00 0.83 40.77
CA VAL B 54 22.99 1.40 39.85
C VAL B 54 22.32 2.01 38.59
N GLU B 55 22.99 1.91 37.44
CA GLU B 55 22.54 2.64 36.24
C GLU B 55 22.56 1.75 35.01
N LEU B 56 21.36 1.32 34.60
CA LEU B 56 21.21 0.39 33.49
C LEU B 56 21.84 0.88 32.19
N SER B 57 22.41 -0.06 31.45
CA SER B 57 23.11 0.25 30.22
C SER B 57 22.13 0.59 29.12
N ALA B 58 22.36 1.73 28.48
CA ALA B 58 21.56 2.10 27.35
C ALA B 58 21.94 1.25 26.14
N VAL B 59 23.21 0.84 26.03
CA VAL B 59 23.68 0.20 24.82
C VAL B 59 23.18 -1.24 24.74
N ASP B 60 23.06 -1.88 25.91
CA ASP B 60 22.56 -3.25 25.98
C ASP B 60 21.14 -3.34 25.43
N LEU B 61 20.23 -2.52 25.95
CA LEU B 61 18.86 -2.44 25.41
C LEU B 61 18.83 -2.00 23.94
N LEU B 62 19.52 -0.90 23.64
CA LEU B 62 19.67 -0.38 22.27
C LEU B 62 20.13 -1.39 21.23
N SER B 63 21.06 -2.25 21.62
CA SER B 63 21.70 -3.13 20.67
C SER B 63 21.16 -4.56 20.71
N CYS B 64 20.64 -5.00 21.86
CA CYS B 64 20.21 -6.40 22.01
C CYS B 64 18.72 -6.68 21.90
N CYS B 65 17.90 -5.64 21.94
CA CYS B 65 16.47 -5.86 21.77
C CYS B 65 16.16 -5.95 20.29
N GLU B 66 15.79 -7.16 19.89
CA GLU B 66 15.47 -7.46 18.49
C GLU B 66 14.02 -7.15 18.15
N SER B 67 13.26 -6.74 19.16
CA SER B 67 11.84 -6.40 19.03
C SER B 67 11.53 -4.91 19.18
N CYS B 68 12.58 -4.10 19.28
CA CYS B 68 12.41 -2.69 19.68
C CYS B 68 12.43 -1.68 18.53
N GLY B 69 12.57 -2.16 17.29
CA GLY B 69 12.64 -1.25 16.15
C GLY B 69 14.00 -1.17 15.50
N LEU B 70 14.45 0.05 15.24
CA LEU B 70 15.59 0.29 14.36
C LEU B 70 16.84 0.83 15.06
N GLY B 71 16.97 0.54 16.36
CA GLY B 71 18.16 0.94 17.10
C GLY B 71 18.40 2.44 17.08
N CYS B 72 19.53 2.87 16.51
CA CYS B 72 19.87 4.31 16.44
C CYS B 72 18.97 5.06 15.47
N GLU B 73 18.15 4.31 14.74
CA GLU B 73 17.19 4.85 13.77
C GLU B 73 15.73 4.79 14.26
N GLY B 74 15.50 4.84 15.58
CA GLY B 74 14.12 4.87 16.11
C GLY B 74 13.57 3.58 16.71
N GLY B 75 12.95 3.68 17.89
CA GLY B 75 12.44 2.49 18.58
C GLY B 75 11.02 2.58 19.14
N ILE B 76 10.49 1.43 19.54
CA ILE B 76 9.14 1.32 20.12
C ILE B 76 9.31 1.21 21.64
N LEU B 77 8.42 1.81 22.43
CA LEU B 77 8.62 1.93 23.88
C LEU B 77 8.11 0.72 24.66
N GLY B 78 6.93 0.21 24.27
CA GLY B 78 6.31 -0.96 24.88
C GLY B 78 7.23 -2.19 24.90
N PRO B 79 7.70 -2.62 23.71
CA PRO B 79 8.69 -3.70 23.67
C PRO B 79 9.98 -3.37 24.45
N ALA B 80 10.24 -2.08 24.69
CA ALA B 80 11.46 -1.72 25.40
C ALA B 80 11.35 -2.15 26.85
N TRP B 81 10.22 -1.88 27.48
CA TRP B 81 9.96 -2.35 28.83
C TRP B 81 9.62 -3.84 28.87
N ASP B 82 8.95 -4.37 27.84
CA ASP B 82 8.74 -5.82 27.75
C ASP B 82 10.07 -6.59 27.87
N TYR B 83 11.09 -6.04 27.20
CA TYR B 83 12.44 -6.57 27.21
C TYR B 83 13.06 -6.55 28.61
N TRP B 84 12.88 -5.43 29.30
CA TRP B 84 13.32 -5.29 30.66
C TRP B 84 12.78 -6.43 31.53
N VAL B 85 11.52 -6.80 31.30
CA VAL B 85 10.88 -7.80 32.12
C VAL B 85 11.34 -9.21 31.73
N LYS B 86 11.39 -9.47 30.43
CA LYS B 86 11.64 -10.83 29.92
C LYS B 86 13.12 -11.17 29.96
N GLU B 87 13.95 -10.21 29.51
CA GLU B 87 15.37 -10.44 29.36
C GLU B 87 16.25 -9.71 30.39
N GLY B 88 15.80 -8.58 30.91
CA GLY B 88 16.62 -7.77 31.80
C GLY B 88 17.72 -7.01 31.09
N ILE B 89 18.20 -5.94 31.73
CA ILE B 89 19.29 -5.12 31.20
C ILE B 89 20.43 -5.04 32.19
N VAL B 90 21.66 -5.16 31.71
CA VAL B 90 22.88 -5.02 32.52
C VAL B 90 23.18 -3.55 32.86
N THR B 91 24.13 -3.34 33.76
CA THR B 91 24.54 -1.99 34.14
C THR B 91 25.49 -1.42 33.09
N GLY B 92 25.60 -0.10 33.09
CA GLY B 92 26.44 0.61 32.16
C GLY B 92 26.11 2.07 32.24
N SER B 93 27.10 2.87 32.65
CA SER B 93 26.96 4.31 32.70
C SER B 93 27.31 4.92 31.34
N SER B 94 27.62 6.22 31.35
CA SER B 94 28.03 6.94 30.14
C SER B 94 29.46 6.57 29.73
N LYS B 95 29.85 7.06 28.56
CA LYS B 95 31.25 7.11 28.11
C LYS B 95 32.19 7.72 29.15
N GLU B 96 31.90 8.95 29.59
CA GLU B 96 32.76 9.70 30.52
C GLU B 96 33.07 8.95 31.82
N ASN B 97 32.05 8.36 32.43
CA ASN B 97 32.18 7.66 33.72
C ASN B 97 32.77 6.25 33.64
N HIS B 98 32.65 5.63 32.47
CA HIS B 98 33.24 4.31 32.18
C HIS B 98 32.83 3.21 33.16
N ALA B 99 31.70 3.40 33.83
CA ALA B 99 31.29 2.45 34.87
C ALA B 99 30.30 1.40 34.37
N GLY B 100 30.25 0.27 35.06
CA GLY B 100 29.27 -0.77 34.78
C GLY B 100 29.75 -1.79 33.77
N CYS B 101 28.85 -2.70 33.40
CA CYS B 101 29.17 -3.78 32.48
C CYS B 101 29.39 -3.28 31.05
N GLU B 102 28.39 -2.57 30.52
CA GLU B 102 28.44 -2.05 29.14
C GLU B 102 28.16 -0.55 29.13
N PRO B 103 29.23 0.28 29.19
CA PRO B 103 29.09 1.73 29.03
C PRO B 103 28.71 2.11 27.60
N TYR B 104 28.07 3.26 27.46
CA TYR B 104 27.64 3.79 26.16
C TYR B 104 28.89 4.16 25.35
N PRO B 105 28.95 3.71 24.08
CA PRO B 105 30.15 3.93 23.26
C PRO B 105 30.30 5.36 22.72
N PHE B 106 29.20 6.11 22.68
CA PHE B 106 29.17 7.40 22.01
C PHE B 106 29.44 8.57 22.97
N PRO B 107 30.22 9.57 22.51
CA PRO B 107 30.61 10.71 23.35
C PRO B 107 29.46 11.70 23.53
N LYS B 108 29.62 12.64 24.46
CA LYS B 108 28.62 13.68 24.66
C LYS B 108 28.73 14.75 23.57
N CYS B 109 27.61 15.38 23.24
CA CYS B 109 27.59 16.50 22.29
C CYS B 109 26.40 17.41 22.53
N GLU B 110 26.40 18.59 21.92
CA GLU B 110 25.28 19.52 22.06
C GLU B 110 24.22 19.31 20.98
N HIS B 111 22.97 19.22 21.40
CA HIS B 111 21.86 19.08 20.45
C HIS B 111 21.14 20.42 20.18
N HIS B 112 21.57 21.10 19.10
CA HIS B 112 21.04 22.42 18.65
C HIS B 112 21.04 23.52 19.71
N THR B 113 22.15 23.66 20.42
CA THR B 113 22.26 24.65 21.50
C THR B 113 23.71 24.94 21.88
N LYS B 114 23.90 26.03 22.64
CA LYS B 114 25.21 26.42 23.19
C LYS B 114 25.67 25.48 24.30
N GLY B 115 26.96 25.55 24.64
CA GLY B 115 27.55 24.64 25.63
C GLY B 115 29.01 24.25 25.39
N LYS B 116 29.53 23.42 26.30
CA LYS B 116 30.96 23.08 26.31
C LYS B 116 31.38 21.96 25.35
N TYR B 117 30.44 21.09 25.00
CA TYR B 117 30.72 19.95 24.14
C TYR B 117 30.65 20.32 22.65
N PRO B 118 31.34 19.56 21.79
CA PRO B 118 31.16 19.77 20.34
C PRO B 118 29.70 19.67 19.92
N PRO B 119 29.32 20.34 18.81
CA PRO B 119 27.99 20.11 18.24
C PRO B 119 27.87 18.68 17.72
N CYS B 120 26.67 18.11 17.76
CA CYS B 120 26.44 16.73 17.33
C CYS B 120 26.47 16.62 15.81
N GLY B 121 26.17 17.73 15.14
CA GLY B 121 26.01 17.75 13.70
C GLY B 121 24.78 16.95 13.37
N SER B 122 24.68 16.49 12.12
CA SER B 122 23.48 15.81 11.68
C SER B 122 23.63 14.29 11.62
N LYS B 123 24.85 13.81 11.40
CA LYS B 123 25.09 12.39 11.13
C LYS B 123 24.65 11.51 12.30
N ILE B 124 24.19 10.30 11.97
CA ILE B 124 23.74 9.34 12.98
C ILE B 124 24.63 8.09 12.94
N TYR B 125 25.12 7.68 14.11
CA TYR B 125 25.97 6.51 14.26
C TYR B 125 25.21 5.23 13.93
N LYS B 126 25.92 4.22 13.43
CA LYS B 126 25.30 2.92 13.16
C LYS B 126 24.96 2.23 14.48
N THR B 127 23.82 1.54 14.51
CA THR B 127 23.39 0.85 15.70
C THR B 127 24.45 -0.17 16.05
N PRO B 128 25.05 -0.03 17.25
CA PRO B 128 26.09 -0.97 17.70
C PRO B 128 25.62 -2.43 17.75
N ARG B 129 26.56 -3.37 17.74
CA ARG B 129 26.19 -4.78 17.78
C ARG B 129 25.84 -5.22 19.20
N CYS B 130 25.04 -6.28 19.31
CA CYS B 130 24.73 -6.83 20.60
C CYS B 130 25.90 -7.71 21.03
N LYS B 131 26.73 -7.18 21.92
CA LYS B 131 28.01 -7.79 22.29
C LYS B 131 27.93 -8.80 23.44
N GLN B 132 27.18 -8.45 24.48
CA GLN B 132 26.95 -9.34 25.63
C GLN B 132 28.22 -9.80 26.37
N THR B 133 29.22 -8.93 26.39
CA THR B 133 30.45 -9.14 27.13
C THR B 133 30.76 -7.82 27.84
N CYS B 134 30.85 -7.87 29.16
CA CYS B 134 31.23 -6.70 29.94
C CYS B 134 32.63 -6.23 29.57
N GLN B 135 32.97 -5.01 29.96
CA GLN B 135 34.27 -4.43 29.67
C GLN B 135 35.38 -5.11 30.47
N LYS B 136 36.62 -5.01 29.99
CA LYS B 136 37.78 -5.60 30.69
C LYS B 136 37.67 -5.40 32.21
N LYS B 137 37.45 -4.16 32.63
CA LYS B 137 37.58 -3.78 34.05
C LYS B 137 36.54 -4.36 34.99
N TYR B 138 35.32 -4.53 34.49
CA TYR B 138 34.19 -5.04 35.29
C TYR B 138 34.41 -6.50 35.64
N LYS B 139 34.24 -6.85 36.92
CA LYS B 139 34.53 -8.22 37.41
C LYS B 139 33.44 -9.22 37.05
N THR B 140 32.21 -8.72 36.89
CA THR B 140 31.00 -9.55 36.81
C THR B 140 30.62 -9.98 35.38
N PRO B 141 30.49 -11.31 35.14
CA PRO B 141 29.98 -11.80 33.85
C PRO B 141 28.65 -11.14 33.43
N TYR B 142 28.45 -11.04 32.12
CA TYR B 142 27.28 -10.36 31.54
C TYR B 142 25.98 -10.94 32.02
N THR B 143 25.84 -12.25 31.92
CA THR B 143 24.58 -12.93 32.18
C THR B 143 24.14 -12.76 33.63
N GLN B 144 25.07 -12.27 34.45
CA GLN B 144 24.91 -12.22 35.88
C GLN B 144 24.82 -10.78 36.36
N ASP B 145 24.80 -9.84 35.42
CA ASP B 145 24.64 -8.40 35.71
C ASP B 145 23.26 -7.90 35.28
N LYS B 146 22.44 -8.81 34.74
CA LYS B 146 21.09 -8.48 34.26
C LYS B 146 20.15 -8.11 35.40
N HIS B 147 19.34 -7.08 35.19
CA HIS B 147 18.32 -6.69 36.14
C HIS B 147 16.96 -6.69 35.47
N ARG B 148 16.00 -7.36 36.09
CA ARG B 148 14.69 -7.56 35.49
C ARG B 148 13.61 -6.83 36.23
N GLY B 149 12.68 -6.26 35.46
CA GLY B 149 11.41 -5.83 36.02
C GLY B 149 10.46 -7.01 36.16
N LYS B 150 9.45 -6.85 37.02
CA LYS B 150 8.40 -7.87 37.19
C LYS B 150 7.32 -7.70 36.10
N SER B 151 6.78 -6.48 36.00
CA SER B 151 5.70 -6.17 35.07
C SER B 151 5.92 -4.85 34.34
N SER B 152 5.45 -4.78 33.09
CA SER B 152 5.40 -3.54 32.32
C SER B 152 3.99 -3.30 31.81
N TYR B 153 3.65 -2.03 31.62
CA TYR B 153 2.31 -1.63 31.22
C TYR B 153 2.31 -0.23 30.63
N ASN B 154 1.13 0.18 30.17
CA ASN B 154 0.87 1.52 29.69
C ASN B 154 0.06 2.32 30.70
N VAL B 155 0.27 3.63 30.74
CA VAL B 155 -0.51 4.50 31.59
C VAL B 155 -1.54 5.19 30.72
N LYS B 156 -2.81 5.04 31.09
CA LYS B 156 -3.92 5.62 30.34
C LYS B 156 -3.70 7.10 30.02
N ASN B 157 -4.24 7.55 28.89
CA ASN B 157 -4.22 8.96 28.54
C ASN B 157 -5.17 9.75 29.46
N ASP B 158 -4.67 10.11 30.64
CA ASP B 158 -5.44 10.84 31.65
C ASP B 158 -4.48 11.50 32.63
N GLU B 159 -4.54 12.84 32.68
CA GLU B 159 -3.64 13.67 33.52
C GLU B 159 -3.52 13.12 34.95
N LYS B 160 -4.66 12.87 35.59
CA LYS B 160 -4.72 12.35 36.96
C LYS B 160 -4.23 10.90 37.12
N ALA B 161 -4.29 10.11 36.06
CA ALA B 161 -3.74 8.77 36.09
C ALA B 161 -2.20 8.80 36.02
N ILE B 162 -1.64 9.67 35.17
CA ILE B 162 -0.19 9.79 35.09
C ILE B 162 0.37 10.23 36.44
N GLN B 163 -0.22 11.30 36.99
CA GLN B 163 0.17 11.83 38.28
C GLN B 163 0.25 10.73 39.33
N LYS B 164 -0.89 10.11 39.63
CA LYS B 164 -0.95 9.00 40.60
C LYS B 164 0.13 7.94 40.36
N GLU B 165 0.37 7.62 39.08
CA GLU B 165 1.40 6.64 38.71
C GLU B 165 2.82 7.08 39.10
N ILE B 166 3.20 8.31 38.75
CA ILE B 166 4.54 8.82 39.07
C ILE B 166 4.74 8.92 40.58
N MET B 167 3.80 9.59 41.24
CA MET B 167 3.82 9.75 42.69
C MET B 167 4.03 8.42 43.42
N LYS B 168 3.23 7.41 43.09
CA LYS B 168 3.29 6.13 43.80
C LYS B 168 4.47 5.23 43.38
N TYR B 169 4.79 5.21 42.09
CA TYR B 169 5.78 4.27 41.57
C TYR B 169 7.03 4.89 40.92
N GLY B 170 6.99 6.21 40.68
CA GLY B 170 8.13 6.92 40.12
C GLY B 170 8.01 7.27 38.64
N PRO B 171 9.06 7.92 38.08
CA PRO B 171 9.11 8.47 36.72
C PRO B 171 8.68 7.48 35.68
N VAL B 172 8.15 8.01 34.58
CA VAL B 172 7.60 7.19 33.53
C VAL B 172 8.22 7.66 32.21
N GLU B 173 8.37 6.76 31.24
CA GLU B 173 8.82 7.15 29.90
C GLU B 173 7.62 7.62 29.11
N ALA B 174 7.83 8.54 28.17
CA ALA B 174 6.72 9.02 27.36
C ALA B 174 7.16 9.54 26.01
N GLY B 175 6.36 9.25 24.99
CA GLY B 175 6.56 9.78 23.65
C GLY B 175 5.80 11.06 23.37
N PHE B 176 6.44 11.96 22.61
CA PHE B 176 5.77 13.16 22.11
C PHE B 176 6.23 13.53 20.69
N THR B 177 5.41 14.33 20.00
CA THR B 177 5.67 14.76 18.64
C THR B 177 6.58 15.98 18.66
N VAL B 178 7.75 15.88 18.07
CA VAL B 178 8.63 17.04 18.02
C VAL B 178 8.39 17.88 16.76
N TYR B 179 8.20 19.18 16.95
CA TYR B 179 8.07 20.12 15.83
C TYR B 179 9.33 21.00 15.79
N GLU B 180 9.55 21.69 14.67
CA GLU B 180 10.73 22.58 14.53
C GLU B 180 10.97 23.47 15.72
N ASP B 181 9.91 24.05 16.30
CA ASP B 181 10.04 25.02 17.42
C ASP B 181 10.64 24.49 18.75
N PHE B 182 10.49 23.17 18.97
CA PHE B 182 11.06 22.49 20.15
C PHE B 182 12.60 22.52 20.16
N LEU B 183 13.23 22.55 18.97
CA LEU B 183 14.69 22.67 18.87
C LEU B 183 15.21 24.04 19.33
N ASN B 184 14.33 25.02 19.43
CA ASN B 184 14.74 26.32 19.93
C ASN B 184 14.62 26.47 21.46
N TYR B 185 14.19 25.41 22.14
CA TYR B 185 13.85 25.50 23.55
C TYR B 185 15.04 25.85 24.44
N LYS B 186 14.88 26.94 25.20
CA LYS B 186 15.87 27.37 26.15
C LYS B 186 15.32 27.21 27.57
N SER B 187 14.22 27.90 27.86
CA SER B 187 13.56 27.78 29.15
C SER B 187 12.05 27.79 29.00
N GLY B 188 11.33 27.62 30.10
CA GLY B 188 9.88 27.89 30.13
C GLY B 188 8.97 26.69 29.93
N ILE B 189 7.66 26.93 30.03
CA ILE B 189 6.69 25.90 29.76
C ILE B 189 6.53 25.90 28.25
N TYR B 190 7.16 24.94 27.61
CA TYR B 190 7.02 24.77 26.18
C TYR B 190 5.59 24.37 25.78
N LYS B 191 5.08 25.00 24.72
CA LYS B 191 3.89 24.56 23.99
C LYS B 191 4.20 24.71 22.51
N HIS B 192 3.67 23.83 21.68
CA HIS B 192 3.96 23.92 20.26
C HIS B 192 3.19 25.06 19.60
N ILE B 193 3.94 26.00 19.00
CA ILE B 193 3.35 27.17 18.32
C ILE B 193 3.59 27.16 16.79
N THR B 194 4.82 26.83 16.37
CA THR B 194 5.22 26.89 14.96
C THR B 194 6.12 25.74 14.53
N GLY B 195 6.42 25.73 13.23
CA GLY B 195 7.34 24.77 12.63
C GLY B 195 6.65 23.49 12.25
N GLU B 196 7.17 22.84 11.19
CA GLU B 196 6.61 21.58 10.71
C GLU B 196 6.97 20.42 11.67
N THR B 197 6.44 19.25 11.38
CA THR B 197 6.72 18.11 12.24
C THR B 197 7.93 17.30 11.78
N LEU B 198 8.76 16.95 12.75
CA LEU B 198 10.04 16.31 12.48
C LEU B 198 10.08 14.83 12.89
N GLY B 199 9.18 14.41 13.75
CA GLY B 199 9.20 13.04 14.27
C GLY B 199 8.77 12.89 15.71
N GLY B 200 9.20 11.81 16.33
CA GLY B 200 8.81 11.53 17.69
C GLY B 200 10.02 11.48 18.58
N HIS B 201 9.78 11.78 19.86
CA HIS B 201 10.80 11.69 20.89
C HIS B 201 10.23 10.99 22.12
N ALA B 202 11.11 10.35 22.87
CA ALA B 202 10.74 9.64 24.08
C ALA B 202 11.66 10.14 25.19
N ILE B 203 11.03 10.57 26.29
CA ILE B 203 11.69 11.24 27.39
C ILE B 203 11.14 10.69 28.70
N ARG B 204 11.70 11.14 29.82
CA ARG B 204 11.26 10.67 31.12
C ARG B 204 10.57 11.78 31.91
N ILE B 205 9.27 11.61 32.16
CA ILE B 205 8.49 12.59 32.93
C ILE B 205 8.78 12.26 34.38
N ILE B 206 9.23 13.26 35.15
CA ILE B 206 9.67 13.03 36.54
C ILE B 206 8.82 13.70 37.63
N GLY B 207 7.85 14.50 37.23
CA GLY B 207 7.07 15.24 38.19
C GLY B 207 6.31 16.35 37.52
N TRP B 208 5.87 17.33 38.30
CA TRP B 208 5.07 18.41 37.76
C TRP B 208 4.91 19.59 38.70
N GLY B 209 4.32 20.65 38.17
CA GLY B 209 4.05 21.81 38.97
C GLY B 209 3.09 22.73 38.26
N VAL B 210 2.86 23.86 38.91
CA VAL B 210 2.05 24.91 38.36
C VAL B 210 2.89 26.20 38.55
N GLU B 211 3.01 27.00 37.49
CA GLU B 211 3.80 28.24 37.54
C GLU B 211 2.89 29.47 37.34
N ASN B 212 2.61 30.15 38.46
CA ASN B 212 1.64 31.22 38.53
C ASN B 212 0.31 30.83 37.88
N LYS B 213 -0.23 29.71 38.35
CA LYS B 213 -1.50 29.12 37.89
C LYS B 213 -1.53 28.47 36.48
N ALA B 214 -0.36 28.24 35.89
CA ALA B 214 -0.21 27.53 34.61
C ALA B 214 0.44 26.13 34.78
N PRO B 215 -0.30 25.05 34.43
CA PRO B 215 0.16 23.71 34.79
C PRO B 215 1.12 23.10 33.79
N TYR B 216 2.19 22.49 34.29
CA TYR B 216 3.24 21.88 33.46
C TYR B 216 3.68 20.52 33.99
N TRP B 217 4.23 19.68 33.10
CA TRP B 217 4.97 18.45 33.45
C TRP B 217 6.45 18.80 33.55
N LEU B 218 7.16 18.13 34.46
CA LEU B 218 8.61 18.24 34.51
C LEU B 218 9.27 17.04 33.82
N ILE B 219 10.17 17.31 32.87
CA ILE B 219 10.67 16.28 31.99
C ILE B 219 12.18 16.28 31.84
N ALA B 220 12.79 15.14 32.12
CA ALA B 220 14.20 14.93 31.85
C ALA B 220 14.44 14.54 30.39
N ASN B 221 14.98 15.46 29.62
CA ASN B 221 15.42 15.14 28.27
C ASN B 221 16.77 14.44 28.38
N SER B 222 17.16 13.72 27.33
CA SER B 222 18.45 13.05 27.30
C SER B 222 19.45 13.73 26.36
N TRP B 223 19.50 15.06 26.40
CA TRP B 223 20.42 15.81 25.56
C TRP B 223 21.51 16.56 26.35
N ASN B 224 21.94 15.96 27.46
CA ASN B 224 22.90 16.56 28.44
C ASN B 224 22.43 17.81 29.21
N GLU B 225 23.21 18.14 30.24
CA GLU B 225 22.88 19.23 31.16
C GLU B 225 22.87 20.65 30.54
N ASP B 226 23.43 20.81 29.35
CA ASP B 226 23.51 22.15 28.74
C ASP B 226 22.24 22.50 27.99
N TRP B 227 21.47 21.49 27.61
CA TRP B 227 20.24 21.70 26.87
C TRP B 227 19.14 22.11 27.85
N GLY B 228 18.36 23.11 27.47
CA GLY B 228 17.23 23.54 28.27
C GLY B 228 17.59 24.02 29.66
N GLU B 229 16.68 23.79 30.59
CA GLU B 229 16.86 24.19 31.97
C GLU B 229 17.60 23.06 32.69
N ASN B 230 18.92 23.01 32.43
CA ASN B 230 19.82 22.05 33.06
C ASN B 230 19.54 20.58 32.72
N GLY B 231 19.25 20.35 31.44
CA GLY B 231 18.94 19.02 30.95
C GLY B 231 17.45 18.77 30.93
N TYR B 232 16.72 19.48 31.78
CA TYR B 232 15.28 19.30 31.90
C TYR B 232 14.52 20.31 31.06
N PHE B 233 13.29 19.97 30.69
CA PHE B 233 12.31 20.97 30.21
C PHE B 233 10.93 20.79 30.81
N ARG B 234 10.11 21.83 30.67
CA ARG B 234 8.73 21.79 31.13
C ARG B 234 7.84 21.96 29.91
N ILE B 235 6.64 21.40 29.98
CA ILE B 235 5.71 21.43 28.85
C ILE B 235 4.32 21.54 29.45
N VAL B 236 3.36 22.02 28.66
CA VAL B 236 1.99 22.15 29.13
C VAL B 236 1.47 20.78 29.56
N ARG B 237 0.95 20.71 30.77
CA ARG B 237 0.24 19.52 31.26
C ARG B 237 -1.26 19.75 31.13
N GLY B 238 -2.01 18.69 30.81
CA GLY B 238 -3.48 18.73 30.90
C GLY B 238 -4.20 18.69 29.57
N ARG B 239 -3.48 19.03 28.50
CA ARG B 239 -4.11 19.29 27.20
C ARG B 239 -3.57 18.46 26.03
N ASP B 240 -3.18 17.22 26.35
CA ASP B 240 -2.51 16.30 25.43
C ASP B 240 -1.52 16.98 24.47
N GLU B 241 -0.82 17.99 25.01
CA GLU B 241 0.13 18.84 24.28
C GLU B 241 1.19 18.00 23.58
N CYS B 242 1.22 18.04 22.25
CA CYS B 242 2.04 17.15 21.41
C CYS B 242 1.92 15.68 21.80
N SER B 243 0.71 15.28 22.21
CA SER B 243 0.42 13.89 22.58
C SER B 243 1.22 13.40 23.79
N ILE B 244 1.80 14.31 24.56
CA ILE B 244 2.64 13.90 25.70
C ILE B 244 1.92 13.01 26.71
N GLU B 245 0.61 13.11 26.82
CA GLU B 245 -0.12 12.26 27.76
C GLU B 245 -0.57 10.96 27.10
N SER B 246 -0.37 10.89 25.78
CA SER B 246 -0.86 9.80 24.93
C SER B 246 -0.17 8.45 25.08
N GLU B 247 1.13 8.48 25.32
CA GLU B 247 1.93 7.28 25.22
C GLU B 247 2.89 7.07 26.37
N VAL B 248 2.34 7.01 27.58
CA VAL B 248 3.15 6.85 28.77
C VAL B 248 3.38 5.35 29.05
N THR B 249 4.65 4.99 29.28
CA THR B 249 4.98 3.61 29.57
C THR B 249 5.84 3.48 30.83
N ALA B 250 5.63 2.40 31.58
CA ALA B 250 6.44 2.11 32.77
C ALA B 250 6.34 0.63 33.11
N GLY B 251 6.56 0.32 34.39
CA GLY B 251 6.60 -1.03 34.89
C GLY B 251 7.26 -1.08 36.25
N ARG B 252 7.12 -2.20 36.94
CA ARG B 252 7.56 -2.34 38.33
C ARG B 252 8.54 -3.50 38.49
N ILE B 253 9.54 -3.33 39.36
CA ILE B 253 10.60 -4.33 39.50
C ILE B 253 10.15 -5.50 40.36
N ASN B 254 9.22 -5.24 41.28
CA ASN B 254 8.54 -6.29 42.05
C ASN B 254 7.03 -6.33 41.79
N GLU C 2 3.17 -25.59 -21.41
CA GLU C 2 2.12 -26.07 -20.46
C GLU C 2 0.83 -25.22 -20.48
N ILE C 3 -0.31 -25.88 -20.22
CA ILE C 3 -1.63 -25.20 -20.22
C ILE C 3 -2.34 -25.28 -18.86
N PRO C 4 -2.59 -24.12 -18.22
CA PRO C 4 -3.45 -24.12 -17.04
C PRO C 4 -4.93 -24.31 -17.38
N SER C 5 -5.60 -25.15 -16.61
CA SER C 5 -7.04 -25.39 -16.80
C SER C 5 -7.84 -24.09 -16.68
N SER C 6 -7.18 -23.02 -16.25
CA SER C 6 -7.79 -21.70 -16.15
CA SER C 6 -7.79 -21.70 -16.20
C SER C 6 -6.78 -20.60 -16.49
N PHE C 7 -7.22 -19.58 -17.19
CA PHE C 7 -6.38 -18.43 -17.53
C PHE C 7 -7.20 -17.17 -17.82
N ASP C 8 -6.69 -16.03 -17.38
CA ASP C 8 -7.39 -14.75 -17.55
C ASP C 8 -6.40 -13.64 -17.86
N SER C 9 -6.46 -13.15 -19.09
CA SER C 9 -5.46 -12.17 -19.53
C SER C 9 -5.44 -10.98 -18.61
N ARG C 10 -6.58 -10.63 -18.05
CA ARG C 10 -6.64 -9.55 -17.07
C ARG C 10 -5.68 -9.81 -15.92
N LYS C 11 -5.62 -11.06 -15.47
CA LYS C 11 -4.80 -11.40 -14.30
C LYS C 11 -3.31 -11.48 -14.55
N LYS C 12 -2.92 -11.76 -15.80
CA LYS C 12 -1.49 -11.82 -16.15
C LYS C 12 -0.91 -10.43 -16.35
N TRP C 13 -1.74 -9.54 -16.87
CA TRP C 13 -1.29 -8.21 -17.27
C TRP C 13 -2.26 -7.15 -16.79
N PRO C 14 -2.23 -6.82 -15.49
CA PRO C 14 -3.21 -5.85 -15.06
C PRO C 14 -2.72 -4.42 -15.24
N ARG C 15 -1.42 -4.25 -15.51
CA ARG C 15 -0.89 -2.93 -15.92
C ARG C 15 -1.52 -2.53 -17.24
N CYS C 16 -2.09 -3.49 -17.96
CA CYS C 16 -2.74 -3.24 -19.24
C CYS C 16 -4.25 -3.03 -19.09
N LYS C 17 -4.62 -1.78 -18.81
CA LYS C 17 -5.98 -1.36 -18.50
C LYS C 17 -7.01 -1.64 -19.60
N SER C 18 -6.55 -1.72 -20.85
CA SER C 18 -7.46 -1.94 -21.97
C SER C 18 -8.07 -3.34 -21.91
N ILE C 19 -7.34 -4.30 -21.35
CA ILE C 19 -7.81 -5.68 -21.28
C ILE C 19 -9.12 -5.85 -20.48
N ALA C 20 -9.38 -4.95 -19.53
CA ALA C 20 -10.58 -5.09 -18.69
C ALA C 20 -11.66 -4.12 -19.11
N THR C 21 -11.36 -3.39 -20.19
CA THR C 21 -12.34 -2.48 -20.75
C THR C 21 -13.40 -3.28 -21.50
N ILE C 22 -14.64 -2.84 -21.37
CA ILE C 22 -15.72 -3.26 -22.22
C ILE C 22 -16.14 -2.03 -23.01
N ARG C 23 -16.17 -2.15 -24.33
CA ARG C 23 -16.54 -1.04 -25.22
C ARG C 23 -17.97 -1.22 -25.72
N ASP C 24 -18.44 -0.31 -26.57
CA ASP C 24 -19.82 -0.34 -27.06
C ASP C 24 -19.86 0.12 -28.51
N GLN C 25 -20.34 -0.77 -29.38
CA GLN C 25 -20.42 -0.55 -30.82
C GLN C 25 -21.43 0.52 -31.15
N SER C 26 -22.37 0.74 -30.23
CA SER C 26 -23.54 1.58 -30.47
C SER C 26 -24.40 1.04 -31.63
N ARG C 27 -25.14 1.92 -32.29
CA ARG C 27 -26.08 1.53 -33.32
C ARG C 27 -25.36 1.34 -34.63
N CYS C 28 -24.31 0.52 -34.62
CA CYS C 28 -23.49 0.25 -35.81
C CYS C 28 -22.92 -1.17 -35.78
N GLY C 29 -23.02 -1.88 -36.89
CA GLY C 29 -22.57 -3.27 -36.93
C GLY C 29 -21.06 -3.40 -37.01
N SER C 30 -20.37 -2.80 -36.04
CA SER C 30 -18.91 -2.67 -36.13
C SER C 30 -18.12 -3.58 -35.19
N CYS C 31 -18.73 -4.71 -34.83
CA CYS C 31 -18.07 -5.71 -34.00
C CYS C 31 -16.71 -6.08 -34.61
N TRP C 32 -16.70 -6.40 -35.90
CA TRP C 32 -15.48 -6.82 -36.57
C TRP C 32 -14.31 -5.88 -36.21
N ALA C 33 -14.60 -4.57 -36.28
CA ALA C 33 -13.62 -3.51 -35.99
C ALA C 33 -13.27 -3.43 -34.51
N PHE C 34 -14.29 -3.48 -33.66
CA PHE C 34 -14.09 -3.44 -32.21
C PHE C 34 -13.23 -4.58 -31.69
N GLY C 35 -13.67 -5.82 -31.95
CA GLY C 35 -12.88 -6.99 -31.60
C GLY C 35 -11.44 -6.84 -32.05
N ALA C 36 -11.26 -6.35 -33.27
CA ALA C 36 -9.92 -6.01 -33.75
C ALA C 36 -9.21 -4.99 -32.87
N VAL C 37 -9.78 -3.80 -32.70
CA VAL C 37 -9.03 -2.75 -31.98
C VAL C 37 -8.78 -3.01 -30.47
N GLU C 38 -9.75 -3.60 -29.79
CA GLU C 38 -9.57 -4.00 -28.42
C GLU C 38 -8.33 -4.88 -28.28
N ALA C 39 -8.33 -5.97 -29.06
CA ALA C 39 -7.28 -6.96 -28.97
C ALA C 39 -5.93 -6.39 -29.39
N MET C 40 -5.95 -5.43 -30.30
CA MET C 40 -4.70 -4.79 -30.73
C MET C 40 -4.19 -3.91 -29.59
N SER C 41 -5.12 -3.20 -28.94
CA SER C 41 -4.79 -2.39 -27.77
C SER C 41 -4.18 -3.19 -26.64
N ASP C 42 -4.84 -4.28 -26.26
CA ASP C 42 -4.32 -5.24 -25.29
C ASP C 42 -2.94 -5.70 -25.66
N ARG C 43 -2.77 -6.17 -26.90
CA ARG C 43 -1.51 -6.75 -27.38
C ARG C 43 -0.40 -5.73 -27.44
N SER C 44 -0.73 -4.50 -27.81
CA SER C 44 0.28 -3.44 -27.90
C SER C 44 0.88 -3.15 -26.55
N CYS C 45 0.05 -3.22 -25.51
CA CYS C 45 0.49 -2.99 -24.15
C CYS C 45 1.25 -4.21 -23.68
N ILE C 46 0.73 -5.39 -23.99
CA ILE C 46 1.38 -6.63 -23.55
C ILE C 46 2.78 -6.80 -24.15
N GLN C 47 2.93 -6.57 -25.44
CA GLN C 47 4.19 -6.87 -26.13
C GLN C 47 5.18 -5.70 -26.20
N SER C 48 4.87 -4.59 -25.55
CA SER C 48 5.75 -3.42 -25.54
C SER C 48 6.36 -3.18 -24.18
N GLY C 49 6.05 -4.07 -23.24
CA GLY C 49 6.48 -3.91 -21.85
C GLY C 49 5.75 -2.83 -21.09
N GLY C 50 4.79 -2.17 -21.75
CA GLY C 50 3.97 -1.15 -21.09
C GLY C 50 3.91 0.20 -21.80
N LYS C 51 5.06 0.66 -22.31
CA LYS C 51 5.20 1.97 -22.98
C LYS C 51 4.00 2.35 -23.84
N GLN C 52 3.46 1.39 -24.59
CA GLN C 52 2.20 1.61 -25.31
C GLN C 52 0.97 1.33 -24.44
N ASN C 53 0.85 2.11 -23.36
CA ASN C 53 -0.42 2.26 -22.64
C ASN C 53 -1.33 3.26 -23.37
N VAL C 54 -2.06 2.78 -24.39
CA VAL C 54 -2.94 3.61 -25.23
C VAL C 54 -4.18 2.83 -25.74
N GLU C 55 -5.21 3.54 -26.21
CA GLU C 55 -6.47 2.91 -26.64
C GLU C 55 -6.81 3.22 -28.11
N LEU C 56 -6.63 2.24 -28.99
CA LEU C 56 -6.74 2.43 -30.45
C LEU C 56 -8.17 2.65 -30.94
N SER C 57 -8.34 3.55 -31.90
CA SER C 57 -9.64 3.97 -32.38
C SER C 57 -10.40 2.91 -33.18
N ALA C 58 -11.68 2.72 -32.86
CA ALA C 58 -12.56 1.88 -33.68
C ALA C 58 -12.98 2.63 -34.96
N VAL C 59 -13.39 3.89 -34.80
CA VAL C 59 -13.92 4.68 -35.89
C VAL C 59 -12.93 4.69 -37.07
N ASP C 60 -11.64 4.70 -36.76
CA ASP C 60 -10.62 4.75 -37.79
C ASP C 60 -10.67 3.51 -38.66
N LEU C 61 -10.34 2.35 -38.10
CA LEU C 61 -10.47 1.10 -38.84
C LEU C 61 -11.85 0.93 -39.52
N LEU C 62 -12.91 1.27 -38.81
CA LEU C 62 -14.26 1.09 -39.32
C LEU C 62 -14.54 1.89 -40.61
N SER C 63 -14.09 3.15 -40.64
CA SER C 63 -14.30 4.03 -41.79
C SER C 63 -13.22 3.93 -42.88
N CYS C 64 -12.00 3.55 -42.53
CA CYS C 64 -10.89 3.71 -43.46
C CYS C 64 -10.39 2.44 -44.16
N CYS C 65 -10.69 1.29 -43.60
CA CYS C 65 -10.29 0.05 -44.26
C CYS C 65 -11.18 -0.24 -45.47
N GLU C 66 -10.59 -0.19 -46.64
CA GLU C 66 -11.35 -0.34 -47.88
C GLU C 66 -11.64 -1.80 -48.23
N SER C 67 -11.02 -2.74 -47.52
CA SER C 67 -11.21 -4.15 -47.87
C SER C 67 -11.69 -4.96 -46.68
N CYS C 68 -12.46 -4.32 -45.80
CA CYS C 68 -12.91 -4.91 -44.56
C CYS C 68 -14.43 -5.15 -44.60
N GLY C 69 -15.03 -4.78 -45.74
CA GLY C 69 -16.42 -5.07 -46.02
C GLY C 69 -17.33 -3.88 -46.09
N LEU C 70 -18.36 -3.89 -45.27
CA LEU C 70 -19.49 -3.00 -45.44
C LEU C 70 -19.62 -1.93 -44.34
N GLY C 71 -18.49 -1.62 -43.70
CA GLY C 71 -18.46 -0.65 -42.59
C GLY C 71 -19.42 -1.03 -41.47
N CYS C 72 -20.31 -0.10 -41.14
CA CYS C 72 -21.36 -0.35 -40.14
C CYS C 72 -22.28 -1.52 -40.52
N GLU C 73 -22.14 -1.99 -41.75
CA GLU C 73 -23.02 -3.02 -42.29
C GLU C 73 -22.30 -4.37 -42.40
N GLY C 74 -21.30 -4.60 -41.56
CA GLY C 74 -20.63 -5.90 -41.46
C GLY C 74 -19.22 -5.92 -42.01
N GLY C 75 -18.35 -6.72 -41.39
CA GLY C 75 -16.94 -6.69 -41.74
C GLY C 75 -16.18 -8.01 -41.67
N ILE C 76 -15.02 -8.01 -42.34
CA ILE C 76 -14.18 -9.19 -42.48
C ILE C 76 -12.98 -9.05 -41.55
N LEU C 77 -12.79 -10.07 -40.72
CA LEU C 77 -11.84 -10.05 -39.61
C LEU C 77 -10.37 -10.11 -40.04
N GLY C 78 -10.08 -10.95 -41.05
CA GLY C 78 -8.71 -11.12 -41.52
C GLY C 78 -8.08 -9.83 -42.00
N PRO C 79 -8.69 -9.20 -43.03
CA PRO C 79 -8.32 -7.87 -43.53
C PRO C 79 -8.14 -6.78 -42.47
N ALA C 80 -8.92 -6.84 -41.38
CA ALA C 80 -8.84 -5.84 -40.31
C ALA C 80 -7.46 -5.85 -39.68
N TRP C 81 -6.97 -7.05 -39.39
CA TRP C 81 -5.65 -7.21 -38.84
C TRP C 81 -4.59 -6.86 -39.88
N ASP C 82 -4.80 -7.26 -41.14
CA ASP C 82 -3.87 -6.91 -42.25
C ASP C 82 -3.73 -5.39 -42.39
N TYR C 83 -4.88 -4.69 -42.29
CA TYR C 83 -4.90 -3.23 -42.30
C TYR C 83 -3.97 -2.68 -41.23
N TRP C 84 -4.21 -3.12 -39.99
CA TRP C 84 -3.42 -2.68 -38.83
C TRP C 84 -1.93 -2.87 -39.03
N VAL C 85 -1.56 -4.00 -39.63
CA VAL C 85 -0.17 -4.25 -40.00
C VAL C 85 0.29 -3.22 -41.04
N LYS C 86 -0.46 -3.11 -42.14
CA LYS C 86 -0.05 -2.35 -43.34
C LYS C 86 -0.13 -0.82 -43.21
N GLU C 87 -1.26 -0.33 -42.70
CA GLU C 87 -1.56 1.09 -42.65
C GLU C 87 -1.44 1.66 -41.23
N GLY C 88 -1.77 0.83 -40.24
CA GLY C 88 -1.76 1.24 -38.84
C GLY C 88 -3.12 1.75 -38.44
N ILE C 89 -3.30 1.99 -37.14
CA ILE C 89 -4.56 2.52 -36.59
C ILE C 89 -4.26 3.57 -35.52
N VAL C 90 -5.02 4.64 -35.48
CA VAL C 90 -4.74 5.75 -34.56
C VAL C 90 -5.44 5.57 -33.21
N THR C 91 -5.19 6.50 -32.29
CA THR C 91 -5.76 6.50 -30.94
C THR C 91 -7.19 7.02 -30.95
N GLY C 92 -8.05 6.47 -30.08
CA GLY C 92 -9.39 7.02 -29.87
C GLY C 92 -10.26 6.22 -28.92
N SER C 93 -10.77 6.89 -27.87
CA SER C 93 -11.66 6.19 -26.93
C SER C 93 -13.13 6.30 -27.36
N SER C 94 -14.03 6.55 -26.41
CA SER C 94 -15.46 6.41 -26.61
C SER C 94 -16.16 7.77 -26.69
N LYS C 95 -17.47 7.77 -26.96
CA LYS C 95 -18.20 9.04 -26.93
C LYS C 95 -18.18 9.65 -25.53
N GLU C 96 -18.28 8.79 -24.50
CA GLU C 96 -18.41 9.25 -23.12
C GLU C 96 -17.07 9.67 -22.51
N ASN C 97 -15.97 9.38 -23.22
CA ASN C 97 -14.63 9.72 -22.71
C ASN C 97 -13.83 10.76 -23.50
N HIS C 98 -14.31 11.11 -24.70
CA HIS C 98 -13.74 12.18 -25.56
C HIS C 98 -12.21 12.10 -25.82
N ALA C 99 -11.55 11.02 -25.38
CA ALA C 99 -10.07 10.97 -25.40
C ALA C 99 -9.48 10.49 -26.73
N GLY C 100 -8.21 10.84 -26.98
CA GLY C 100 -7.46 10.34 -28.15
C GLY C 100 -7.51 11.17 -29.43
N CYS C 101 -6.99 10.61 -30.51
CA CYS C 101 -7.02 11.26 -31.83
C CYS C 101 -8.42 11.26 -32.44
N GLU C 102 -8.99 10.07 -32.70
CA GLU C 102 -10.37 9.97 -33.23
C GLU C 102 -11.31 9.19 -32.30
N PRO C 103 -11.86 9.85 -31.25
CA PRO C 103 -12.83 9.23 -30.35
C PRO C 103 -14.03 8.67 -31.11
N TYR C 104 -14.76 7.72 -30.50
CA TYR C 104 -15.92 7.11 -31.16
C TYR C 104 -17.13 8.06 -31.12
N PRO C 105 -17.76 8.29 -32.30
CA PRO C 105 -18.78 9.34 -32.42
C PRO C 105 -20.20 8.92 -32.00
N PHE C 106 -20.38 7.65 -31.64
CA PHE C 106 -21.72 7.12 -31.34
C PHE C 106 -21.90 6.80 -29.87
N PRO C 107 -23.09 7.12 -29.31
CA PRO C 107 -23.37 6.95 -27.89
C PRO C 107 -23.74 5.52 -27.50
N LYS C 108 -23.42 5.19 -26.24
CA LYS C 108 -23.71 3.88 -25.64
C LYS C 108 -25.21 3.58 -25.58
N CYS C 109 -25.59 2.34 -25.86
CA CYS C 109 -26.99 1.94 -25.80
C CYS C 109 -27.15 0.47 -25.40
N GLU C 110 -28.38 0.09 -25.07
CA GLU C 110 -28.68 -1.25 -24.60
C GLU C 110 -29.04 -2.17 -25.74
N HIS C 111 -28.27 -3.25 -25.84
CA HIS C 111 -28.40 -4.24 -26.90
C HIS C 111 -29.28 -5.42 -26.42
N HIS C 112 -30.59 -5.31 -26.65
CA HIS C 112 -31.57 -6.35 -26.29
C HIS C 112 -31.45 -6.80 -24.83
N THR C 113 -31.45 -5.82 -23.92
CA THR C 113 -31.30 -6.06 -22.47
C THR C 113 -31.62 -4.75 -21.75
N LYS C 114 -31.87 -4.83 -20.45
CA LYS C 114 -32.16 -3.61 -19.67
C LYS C 114 -30.90 -3.11 -18.96
N GLY C 115 -30.89 -1.82 -18.67
CA GLY C 115 -29.74 -1.16 -18.03
C GLY C 115 -29.90 0.35 -18.03
N LYS C 116 -28.91 1.06 -17.52
CA LYS C 116 -28.99 2.52 -17.34
C LYS C 116 -29.14 3.33 -18.64
N TYR C 117 -28.54 2.85 -19.74
CA TYR C 117 -28.57 3.55 -21.05
C TYR C 117 -29.87 3.33 -21.85
N PRO C 118 -30.11 4.16 -22.90
CA PRO C 118 -31.27 3.96 -23.77
C PRO C 118 -31.20 2.65 -24.55
N PRO C 119 -32.35 2.12 -25.02
CA PRO C 119 -32.32 0.94 -25.91
C PRO C 119 -31.63 1.29 -27.24
N CYS C 120 -30.93 0.34 -27.85
CA CYS C 120 -30.29 0.60 -29.14
C CYS C 120 -31.30 0.77 -30.28
N GLY C 121 -32.46 0.14 -30.16
CA GLY C 121 -33.44 0.11 -31.25
C GLY C 121 -32.94 -0.74 -32.39
N SER C 122 -33.50 -0.53 -33.59
CA SER C 122 -33.13 -1.30 -34.78
C SER C 122 -32.33 -0.48 -35.79
N LYS C 123 -32.35 0.84 -35.63
CA LYS C 123 -31.61 1.73 -36.53
C LYS C 123 -30.11 1.45 -36.52
N ILE C 124 -29.52 1.36 -37.71
CA ILE C 124 -28.08 1.27 -37.87
C ILE C 124 -27.59 2.53 -38.60
N TYR C 125 -26.59 3.19 -38.02
CA TYR C 125 -26.01 4.40 -38.60
C TYR C 125 -25.27 4.12 -39.92
N LYS C 126 -25.19 5.11 -40.81
CA LYS C 126 -24.27 5.02 -41.93
C LYS C 126 -22.82 4.96 -41.43
N THR C 127 -21.99 4.22 -42.16
CA THR C 127 -20.57 4.15 -41.90
C THR C 127 -20.02 5.56 -42.00
N PRO C 128 -19.40 6.05 -40.91
CA PRO C 128 -18.79 7.38 -40.89
C PRO C 128 -17.68 7.54 -41.93
N ARG C 129 -17.28 8.79 -42.18
CA ARG C 129 -16.27 9.08 -43.19
C ARG C 129 -14.87 8.79 -42.68
N CYS C 130 -13.98 8.41 -43.60
CA CYS C 130 -12.56 8.38 -43.30
C CYS C 130 -12.10 9.84 -43.22
N LYS C 131 -12.05 10.35 -42.00
CA LYS C 131 -11.77 11.76 -41.78
C LYS C 131 -10.29 12.04 -41.92
N GLN C 132 -9.46 11.18 -41.32
CA GLN C 132 -8.01 11.33 -41.32
C GLN C 132 -7.57 12.66 -40.69
N THR C 133 -8.32 13.07 -39.67
CA THR C 133 -8.05 14.25 -38.84
C THR C 133 -8.17 13.84 -37.38
N CYS C 134 -7.31 14.42 -36.55
CA CYS C 134 -7.44 14.25 -35.10
C CYS C 134 -8.36 15.33 -34.52
N GLN C 135 -8.90 15.06 -33.34
CA GLN C 135 -9.90 15.93 -32.72
C GLN C 135 -9.33 17.27 -32.16
N LYS C 136 -10.19 18.04 -31.48
CA LYS C 136 -9.93 19.45 -31.15
C LYS C 136 -8.74 19.74 -30.22
N LYS C 137 -8.40 18.82 -29.32
CA LYS C 137 -7.36 19.10 -28.32
C LYS C 137 -6.05 18.30 -28.47
N TYR C 138 -6.13 17.17 -29.17
CA TYR C 138 -4.98 16.27 -29.38
C TYR C 138 -3.91 16.93 -30.26
N LYS C 139 -2.72 17.16 -29.69
CA LYS C 139 -1.65 17.88 -30.37
C LYS C 139 -0.98 17.09 -31.49
N THR C 140 -1.01 15.77 -31.39
CA THR C 140 -0.38 14.89 -32.38
C THR C 140 -1.18 14.81 -33.69
N PRO C 141 -0.51 15.03 -34.85
CA PRO C 141 -1.18 14.88 -36.17
C PRO C 141 -1.46 13.42 -36.55
N TYR C 142 -2.49 13.24 -37.38
CA TYR C 142 -3.01 11.94 -37.79
C TYR C 142 -1.95 10.90 -38.24
N THR C 143 -1.12 11.28 -39.21
CA THR C 143 -0.22 10.33 -39.87
C THR C 143 0.82 9.72 -38.94
N GLN C 144 1.26 10.50 -37.93
CA GLN C 144 2.25 10.04 -36.96
C GLN C 144 1.66 9.09 -35.94
N ASP C 145 0.36 9.27 -35.65
CA ASP C 145 -0.34 8.55 -34.59
C ASP C 145 -0.68 7.10 -34.97
N LYS C 146 -0.40 6.76 -36.23
CA LYS C 146 -0.55 5.40 -36.76
C LYS C 146 0.29 4.39 -35.98
N HIS C 147 -0.39 3.58 -35.17
CA HIS C 147 0.23 2.44 -34.49
C HIS C 147 0.09 1.17 -35.34
N ARG C 148 1.23 0.58 -35.71
CA ARG C 148 1.24 -0.57 -36.63
C ARG C 148 1.49 -1.90 -35.93
N GLY C 149 1.34 -2.98 -36.69
CA GLY C 149 1.73 -4.32 -36.25
C GLY C 149 2.74 -4.97 -37.19
N LYS C 150 3.30 -6.10 -36.76
CA LYS C 150 4.27 -6.82 -37.55
C LYS C 150 3.57 -7.90 -38.38
N SER C 151 2.56 -8.52 -37.79
CA SER C 151 1.96 -9.71 -38.40
C SER C 151 0.48 -9.84 -38.12
N SER C 152 -0.23 -10.44 -39.06
CA SER C 152 -1.60 -10.91 -38.80
C SER C 152 -1.76 -12.32 -39.35
N TYR C 153 -2.53 -13.13 -38.63
CA TYR C 153 -2.71 -14.55 -38.92
C TYR C 153 -3.97 -15.11 -38.29
N ASN C 154 -4.58 -16.08 -38.94
CA ASN C 154 -5.69 -16.80 -38.35
C ASN C 154 -5.13 -17.90 -37.47
N VAL C 155 -5.72 -18.13 -36.31
CA VAL C 155 -5.24 -19.18 -35.43
C VAL C 155 -5.95 -20.49 -35.79
N LYS C 156 -5.17 -21.53 -36.10
CA LYS C 156 -5.71 -22.87 -36.37
C LYS C 156 -6.69 -23.25 -35.25
N ASN C 157 -7.76 -23.95 -35.58
CA ASN C 157 -8.73 -24.27 -34.53
C ASN C 157 -8.58 -25.64 -33.84
N ASP C 158 -7.42 -25.84 -33.24
CA ASP C 158 -7.22 -26.81 -32.18
C ASP C 158 -7.44 -25.96 -30.94
N GLU C 159 -8.32 -26.43 -30.05
CA GLU C 159 -8.65 -25.72 -28.80
C GLU C 159 -7.41 -25.30 -27.99
N LYS C 160 -6.41 -26.18 -27.96
CA LYS C 160 -5.15 -25.94 -27.25
C LYS C 160 -4.30 -24.90 -27.97
N ALA C 161 -4.24 -24.99 -29.29
CA ALA C 161 -3.45 -24.04 -30.09
C ALA C 161 -3.88 -22.62 -29.79
N ILE C 162 -5.20 -22.43 -29.61
CA ILE C 162 -5.78 -21.14 -29.25
C ILE C 162 -5.30 -20.67 -27.87
N GLN C 163 -5.29 -21.59 -26.92
CA GLN C 163 -4.94 -21.26 -25.55
C GLN C 163 -3.48 -20.80 -25.46
N LYS C 164 -2.57 -21.52 -26.11
CA LYS C 164 -1.16 -21.13 -26.19
C LYS C 164 -1.01 -19.74 -26.80
N GLU C 165 -1.83 -19.45 -27.80
CA GLU C 165 -1.81 -18.15 -28.43
C GLU C 165 -2.22 -17.04 -27.45
N ILE C 166 -3.34 -17.25 -26.75
CA ILE C 166 -3.86 -16.24 -25.83
C ILE C 166 -2.91 -16.01 -24.65
N MET C 167 -2.37 -17.11 -24.12
CA MET C 167 -1.51 -17.08 -22.94
C MET C 167 -0.18 -16.40 -23.21
N LYS C 168 0.40 -16.64 -24.38
CA LYS C 168 1.72 -16.08 -24.65
C LYS C 168 1.62 -14.69 -25.24
N TYR C 169 0.63 -14.48 -26.10
CA TYR C 169 0.58 -13.24 -26.87
C TYR C 169 -0.54 -12.24 -26.53
N GLY C 170 -1.56 -12.66 -25.79
CA GLY C 170 -2.70 -11.80 -25.46
C GLY C 170 -4.05 -12.23 -26.05
N PRO C 171 -5.13 -11.52 -25.68
CA PRO C 171 -6.47 -11.85 -26.20
C PRO C 171 -6.54 -11.91 -27.73
N VAL C 172 -7.48 -12.70 -28.24
CA VAL C 172 -7.65 -12.85 -29.66
C VAL C 172 -9.03 -12.38 -30.08
N GLU C 173 -9.24 -12.18 -31.38
CA GLU C 173 -10.57 -11.91 -31.89
C GLU C 173 -11.13 -13.22 -32.45
N ALA C 174 -12.45 -13.35 -32.42
CA ALA C 174 -13.11 -14.49 -33.03
C ALA C 174 -14.51 -14.10 -33.43
N GLY C 175 -15.06 -14.90 -34.34
CA GLY C 175 -16.43 -14.79 -34.79
C GLY C 175 -17.23 -16.03 -34.47
N PHE C 176 -18.51 -15.83 -34.23
CA PHE C 176 -19.42 -16.95 -34.08
C PHE C 176 -20.80 -16.63 -34.67
N THR C 177 -21.52 -17.69 -35.02
CA THR C 177 -22.90 -17.59 -35.48
C THR C 177 -23.76 -17.08 -34.32
N VAL C 178 -24.56 -16.05 -34.57
CA VAL C 178 -25.52 -15.61 -33.57
C VAL C 178 -26.92 -16.11 -33.93
N TYR C 179 -27.47 -16.98 -33.08
CA TYR C 179 -28.86 -17.44 -33.20
C TYR C 179 -29.78 -16.55 -32.37
N GLU C 180 -31.08 -16.59 -32.67
CA GLU C 180 -32.10 -15.84 -31.94
C GLU C 180 -31.90 -15.79 -30.41
N ASP C 181 -31.51 -16.91 -29.81
CA ASP C 181 -31.52 -17.06 -28.33
C ASP C 181 -30.27 -16.56 -27.62
N PHE C 182 -29.23 -16.20 -28.39
CA PHE C 182 -28.08 -15.52 -27.82
C PHE C 182 -28.47 -14.13 -27.34
N LEU C 183 -29.43 -13.52 -28.05
CA LEU C 183 -29.98 -12.22 -27.67
C LEU C 183 -30.78 -12.26 -26.35
N ASN C 184 -30.93 -13.45 -25.78
CA ASN C 184 -31.57 -13.63 -24.49
C ASN C 184 -30.56 -13.79 -23.36
N TYR C 185 -29.28 -13.84 -23.71
CA TYR C 185 -28.25 -14.18 -22.72
C TYR C 185 -28.27 -13.28 -21.49
N LYS C 186 -28.07 -13.89 -20.31
CA LYS C 186 -28.12 -13.19 -19.04
C LYS C 186 -26.87 -13.47 -18.20
N SER C 187 -26.66 -14.76 -17.93
CA SER C 187 -25.53 -15.27 -17.16
C SER C 187 -25.31 -16.73 -17.54
N GLY C 188 -24.25 -17.34 -17.02
CA GLY C 188 -23.92 -18.74 -17.33
C GLY C 188 -23.08 -18.94 -18.59
N ILE C 189 -22.65 -20.17 -18.81
CA ILE C 189 -21.98 -20.57 -20.04
C ILE C 189 -23.03 -20.73 -21.15
N TYR C 190 -23.03 -19.80 -22.10
CA TYR C 190 -23.95 -19.85 -23.23
C TYR C 190 -23.71 -21.04 -24.15
N LYS C 191 -24.81 -21.57 -24.66
CA LYS C 191 -24.80 -22.59 -25.70
C LYS C 191 -26.06 -22.42 -26.52
N HIS C 192 -25.95 -22.67 -27.81
CA HIS C 192 -27.10 -22.64 -28.70
C HIS C 192 -28.07 -23.74 -28.33
N ILE C 193 -29.31 -23.36 -28.04
CA ILE C 193 -30.39 -24.34 -27.84
C ILE C 193 -31.54 -24.06 -28.82
N THR C 194 -32.09 -22.85 -28.79
CA THR C 194 -33.21 -22.48 -29.69
C THR C 194 -32.84 -21.39 -30.69
N GLY C 195 -33.81 -21.06 -31.55
CA GLY C 195 -33.68 -19.95 -32.49
C GLY C 195 -32.99 -20.25 -33.80
N GLU C 196 -33.35 -19.49 -34.85
CA GLU C 196 -32.72 -19.56 -36.16
C GLU C 196 -31.53 -18.61 -36.20
N THR C 197 -30.69 -18.75 -37.21
CA THR C 197 -29.45 -17.94 -37.32
C THR C 197 -29.78 -16.51 -37.79
N LEU C 198 -29.12 -15.52 -37.18
CA LEU C 198 -29.34 -14.10 -37.49
C LEU C 198 -28.18 -13.46 -38.25
N GLY C 199 -26.97 -13.97 -38.00
CA GLY C 199 -25.75 -13.43 -38.62
C GLY C 199 -24.48 -13.91 -37.95
N GLY C 200 -23.46 -13.04 -37.96
CA GLY C 200 -22.19 -13.27 -37.27
C GLY C 200 -21.73 -12.11 -36.39
N HIS C 201 -21.04 -12.45 -35.30
CA HIS C 201 -20.52 -11.49 -34.33
C HIS C 201 -19.00 -11.69 -34.19
N ALA C 202 -18.27 -10.59 -34.06
CA ALA C 202 -16.83 -10.62 -33.80
C ALA C 202 -16.55 -10.13 -32.39
N ILE C 203 -15.91 -10.96 -31.60
CA ILE C 203 -15.69 -10.65 -30.19
C ILE C 203 -14.27 -11.00 -29.80
N ARG C 204 -13.92 -10.77 -28.53
CA ARG C 204 -12.55 -10.90 -28.08
C ARG C 204 -12.42 -11.96 -26.99
N ILE C 205 -11.68 -13.03 -27.26
CA ILE C 205 -11.51 -14.06 -26.23
C ILE C 205 -10.32 -13.66 -25.36
N ILE C 206 -10.55 -13.51 -24.06
CA ILE C 206 -9.51 -13.06 -23.13
C ILE C 206 -8.97 -14.16 -22.21
N GLY C 207 -9.64 -15.30 -22.17
CA GLY C 207 -9.17 -16.43 -21.38
C GLY C 207 -10.11 -17.60 -21.42
N TRP C 208 -9.88 -18.56 -20.53
CA TRP C 208 -10.76 -19.71 -20.41
C TRP C 208 -10.84 -20.14 -18.95
N GLY C 209 -11.90 -20.87 -18.62
CA GLY C 209 -12.09 -21.43 -17.27
C GLY C 209 -12.94 -22.68 -17.32
N VAL C 210 -13.32 -23.18 -16.14
CA VAL C 210 -14.14 -24.41 -16.05
C VAL C 210 -15.06 -24.40 -14.81
N GLU C 211 -16.36 -24.52 -15.06
CA GLU C 211 -17.37 -24.47 -13.98
C GLU C 211 -18.14 -25.78 -13.92
N ASN C 212 -17.99 -26.50 -12.81
CA ASN C 212 -18.57 -27.82 -12.62
C ASN C 212 -18.17 -28.79 -13.74
N LYS C 213 -16.85 -28.88 -13.96
CA LYS C 213 -16.21 -29.76 -14.95
C LYS C 213 -16.38 -29.30 -16.40
N ALA C 214 -17.39 -28.45 -16.65
CA ALA C 214 -17.69 -27.95 -17.99
C ALA C 214 -16.81 -26.76 -18.41
N PRO C 215 -16.01 -26.95 -19.49
CA PRO C 215 -15.04 -25.97 -20.02
C PRO C 215 -15.68 -24.80 -20.76
N TYR C 216 -15.19 -23.58 -20.53
CA TYR C 216 -15.69 -22.40 -21.22
C TYR C 216 -14.59 -21.44 -21.66
N TRP C 217 -14.93 -20.61 -22.64
CA TRP C 217 -14.10 -19.46 -23.01
C TRP C 217 -14.64 -18.24 -22.32
N LEU C 218 -13.73 -17.39 -21.86
CA LEU C 218 -14.08 -16.08 -21.32
C LEU C 218 -14.07 -15.08 -22.47
N ILE C 219 -15.22 -14.49 -22.75
CA ILE C 219 -15.34 -13.52 -23.86
C ILE C 219 -15.68 -12.10 -23.44
N ALA C 220 -14.98 -11.13 -24.04
CA ALA C 220 -15.36 -9.73 -23.92
C ALA C 220 -16.21 -9.35 -25.12
N ASN C 221 -17.45 -8.99 -24.85
CA ASN C 221 -18.37 -8.47 -25.84
C ASN C 221 -18.23 -6.96 -25.94
N SER C 222 -18.74 -6.38 -27.03
CA SER C 222 -18.69 -4.93 -27.20
C SER C 222 -20.08 -4.30 -27.20
N TRP C 223 -20.91 -4.69 -26.24
CA TRP C 223 -22.25 -4.13 -26.07
C TRP C 223 -22.42 -3.41 -24.73
N ASN C 224 -21.31 -2.98 -24.15
CA ASN C 224 -21.29 -2.23 -22.90
C ASN C 224 -21.33 -3.14 -21.67
N GLU C 225 -21.11 -2.56 -20.49
CA GLU C 225 -20.87 -3.33 -19.28
C GLU C 225 -22.14 -3.92 -18.69
N ASP C 226 -23.30 -3.38 -19.08
CA ASP C 226 -24.61 -3.81 -18.55
C ASP C 226 -25.03 -5.20 -19.06
N TRP C 227 -24.67 -5.50 -20.30
CA TRP C 227 -25.01 -6.75 -20.98
C TRP C 227 -24.30 -7.95 -20.37
N GLY C 228 -25.08 -9.00 -20.10
CA GLY C 228 -24.56 -10.25 -19.58
C GLY C 228 -23.74 -10.09 -18.31
N GLU C 229 -22.58 -10.75 -18.28
CA GLU C 229 -21.75 -10.78 -17.08
C GLU C 229 -20.76 -9.62 -17.05
N ASN C 230 -21.29 -8.47 -16.64
CA ASN C 230 -20.56 -7.20 -16.57
C ASN C 230 -19.85 -6.83 -17.88
N GLY C 231 -20.48 -7.18 -18.99
CA GLY C 231 -19.88 -6.99 -20.32
C GLY C 231 -19.42 -8.29 -20.98
N TYR C 232 -19.18 -9.30 -20.16
CA TYR C 232 -18.62 -10.56 -20.64
C TYR C 232 -19.72 -11.62 -20.79
N PHE C 233 -19.53 -12.51 -21.76
CA PHE C 233 -20.23 -13.77 -21.71
C PHE C 233 -19.26 -14.93 -21.69
N ARG C 234 -19.75 -16.07 -21.25
CA ARG C 234 -19.00 -17.29 -21.33
C ARG C 234 -19.73 -18.16 -22.31
N ILE C 235 -18.95 -18.92 -23.09
CA ILE C 235 -19.46 -19.80 -24.13
C ILE C 235 -18.80 -21.16 -23.99
N VAL C 236 -19.52 -22.23 -24.33
CA VAL C 236 -18.97 -23.57 -24.26
C VAL C 236 -17.68 -23.72 -25.10
N ARG C 237 -16.60 -24.04 -24.39
CA ARG C 237 -15.29 -24.24 -24.97
C ARG C 237 -15.04 -25.70 -25.34
N GLY C 238 -14.48 -25.93 -26.52
CA GLY C 238 -13.97 -27.26 -26.88
C GLY C 238 -14.78 -28.06 -27.88
N ARG C 239 -16.04 -27.68 -28.10
CA ARG C 239 -16.92 -28.38 -29.06
C ARG C 239 -17.23 -27.52 -30.31
N ASP C 240 -16.44 -26.45 -30.51
CA ASP C 240 -16.64 -25.48 -31.59
C ASP C 240 -18.08 -25.00 -31.61
N GLU C 241 -18.57 -24.62 -30.43
CA GLU C 241 -19.95 -24.21 -30.24
C GLU C 241 -20.20 -22.87 -30.91
N CYS C 242 -20.87 -22.90 -32.06
CA CYS C 242 -21.23 -21.72 -32.85
C CYS C 242 -20.07 -21.21 -33.71
N SER C 243 -19.23 -22.13 -34.14
CA SER C 243 -18.04 -21.84 -34.95
C SER C 243 -17.06 -20.97 -34.20
N ILE C 244 -17.10 -21.04 -32.87
CA ILE C 244 -16.31 -20.16 -32.00
C ILE C 244 -14.79 -20.33 -32.16
N GLU C 245 -14.37 -21.52 -32.59
CA GLU C 245 -12.95 -21.79 -32.81
C GLU C 245 -12.56 -21.61 -34.30
N SER C 246 -13.59 -21.55 -35.16
CA SER C 246 -13.41 -21.62 -36.61
C SER C 246 -12.68 -20.43 -37.21
N GLU C 247 -12.78 -19.28 -36.56
CA GLU C 247 -12.27 -18.04 -37.13
C GLU C 247 -11.64 -17.15 -36.10
N VAL C 248 -10.65 -17.68 -35.38
CA VAL C 248 -9.87 -16.89 -34.46
C VAL C 248 -8.76 -16.18 -35.23
N THR C 249 -8.64 -14.88 -35.02
CA THR C 249 -7.64 -14.05 -35.69
C THR C 249 -6.92 -13.15 -34.70
N ALA C 250 -5.67 -12.82 -35.04
CA ALA C 250 -4.77 -12.08 -34.14
C ALA C 250 -3.48 -11.65 -34.86
N GLY C 251 -2.51 -11.18 -34.08
CA GLY C 251 -1.32 -10.58 -34.64
C GLY C 251 -0.38 -10.06 -33.55
N ARG C 252 0.82 -9.66 -33.95
CA ARG C 252 1.86 -9.28 -32.99
C ARG C 252 2.49 -7.93 -33.32
N ILE C 253 3.00 -7.22 -32.31
CA ILE C 253 3.65 -5.91 -32.52
C ILE C 253 5.15 -6.06 -32.74
N ASN C 254 5.65 -7.27 -32.55
CA ASN C 254 7.04 -7.63 -32.87
C ASN C 254 7.19 -9.15 -32.91
#